data_8EW1
#
_entry.id   8EW1
#
_cell.length_a   85.720
_cell.length_b   85.720
_cell.length_c   112.360
_cell.angle_alpha   90.00
_cell.angle_beta   90.00
_cell.angle_gamma   120.00
#
_symmetry.space_group_name_H-M   'P 31'
#
loop_
_entity.id
_entity.type
_entity.pdbx_description
1 polymer 'Glycosyl hydrolase family 16'
2 branched beta-D-galactopyranose-(1-4)-6-O-sulfo-alpha-L-galactopyranose-(1-3)-beta-D-galactopyranose
3 non-polymer GLYCEROL
4 non-polymer 'CALCIUM ION'
5 non-polymer 'CHLORIDE ION'
6 non-polymer 'ACETATE ION'
7 water water
#
_entity_poly.entity_id   1
_entity_poly.type   'polypeptide(L)'
_entity_poly.pdbx_seq_one_letter_code
;MGSSHHHHHHGSIDFSNAPKRLNNKYPLSDQKNEGGWVLNKKASDEFKGKKLNEERWFPNNPKWKGRQPTFFAKENTTFE
DGCCVMRTYKPEAGSLPEGYTHTAGFLVSKELFLYGYFEARLRPNDSPWVFGFWMSNNERNWWTLIDICENCPGNPANRH
DLNSNVHVFKAPADKGDIKKHINFPAKYYIPFELQKDFHVWGLDWSKEYIRLYIDGVLYREIENKYWHQPLRINLNNESN
KWFGALPDDNNMDSEYLIDYVRVWYKK
;
_entity_poly.pdbx_strand_id   A,B,C
#
# COMPACT_ATOMS: atom_id res chain seq x y z
N SER A 4 -13.73 -27.89 14.57
CA SER A 4 -15.04 -28.50 14.61
C SER A 4 -16.15 -27.45 14.64
N HIS A 5 -15.76 -26.16 14.70
CA HIS A 5 -16.73 -25.09 14.79
C HIS A 5 -17.61 -24.97 13.56
N HIS A 6 -17.31 -25.69 12.48
CA HIS A 6 -18.21 -25.71 11.33
C HIS A 6 -19.41 -26.61 11.57
N HIS A 7 -19.26 -27.65 12.40
CA HIS A 7 -20.34 -28.59 12.68
C HIS A 7 -20.92 -28.47 14.08
N HIS A 8 -20.16 -27.96 15.04
CA HIS A 8 -20.46 -28.19 16.45
C HIS A 8 -21.36 -27.08 17.00
N HIS A 9 -22.60 -27.43 17.34
CA HIS A 9 -23.47 -26.59 18.15
C HIS A 9 -23.17 -26.89 19.62
N HIS A 10 -22.55 -25.93 20.31
CA HIS A 10 -22.26 -26.15 21.72
C HIS A 10 -23.53 -26.38 22.52
N GLY A 11 -24.62 -25.77 22.10
CA GLY A 11 -25.90 -25.94 22.78
C GLY A 11 -26.97 -25.20 22.02
N SER A 12 -28.20 -25.31 22.52
CA SER A 12 -29.31 -24.56 21.96
C SER A 12 -29.63 -23.39 22.88
N ILE A 13 -30.26 -22.36 22.30
CA ILE A 13 -30.62 -21.15 23.04
C ILE A 13 -32.13 -21.14 23.23
N ASP A 14 -32.56 -21.06 24.48
CA ASP A 14 -33.98 -21.06 24.81
C ASP A 14 -34.48 -19.63 24.91
N PHE A 15 -35.58 -19.34 24.24
CA PHE A 15 -36.18 -18.00 24.23
C PHE A 15 -37.51 -17.94 24.95
N SER A 16 -37.91 -19.02 25.65
CA SER A 16 -39.20 -19.01 26.33
C SER A 16 -39.24 -17.95 27.42
N ASN A 17 -38.11 -17.69 28.08
CA ASN A 17 -38.02 -16.69 29.13
C ASN A 17 -37.26 -15.44 28.68
N ALA A 18 -37.28 -15.16 27.38
CA ALA A 18 -36.60 -13.98 26.87
C ALA A 18 -37.25 -12.72 27.45
N PRO A 19 -36.46 -11.71 27.80
CA PRO A 19 -37.04 -10.48 28.38
C PRO A 19 -37.98 -9.80 27.40
N LYS A 20 -39.05 -9.21 27.94
CA LYS A 20 -39.97 -8.42 27.15
C LYS A 20 -39.46 -6.99 27.01
N ARG A 21 -39.79 -6.37 25.88
CA ARG A 21 -39.40 -4.98 25.62
C ARG A 21 -40.24 -4.05 26.48
N LEU A 22 -39.59 -3.35 27.41
CA LEU A 22 -40.24 -2.38 28.28
C LEU A 22 -39.93 -0.93 27.94
N ASN A 23 -38.72 -0.65 27.48
CA ASN A 23 -38.31 0.73 27.19
C ASN A 23 -37.19 0.71 26.16
N ASN A 24 -36.93 1.88 25.58
CA ASN A 24 -35.84 2.06 24.63
C ASN A 24 -34.67 2.82 25.25
N LYS A 25 -34.57 2.82 26.58
CA LYS A 25 -33.55 3.59 27.27
C LYS A 25 -32.44 2.75 27.87
N TYR A 26 -32.65 1.45 28.04
CA TYR A 26 -31.65 0.58 28.65
C TYR A 26 -31.50 -0.71 27.87
N PRO A 27 -30.45 -1.49 28.14
CA PRO A 27 -30.23 -2.71 27.35
C PRO A 27 -31.42 -3.67 27.48
N LEU A 28 -31.65 -4.45 26.42
CA LEU A 28 -32.76 -5.40 26.44
C LEU A 28 -32.57 -6.46 27.51
N SER A 29 -31.32 -6.84 27.80
CA SER A 29 -31.04 -7.82 28.83
C SER A 29 -31.08 -7.23 30.24
N ASP A 30 -31.29 -5.93 30.37
CA ASP A 30 -31.27 -5.26 31.67
C ASP A 30 -32.20 -4.05 31.61
N GLN A 31 -33.48 -4.31 31.31
CA GLN A 31 -34.45 -3.25 31.11
C GLN A 31 -34.75 -2.46 32.38
N LYS A 32 -34.49 -3.04 33.56
CA LYS A 32 -34.67 -2.32 34.81
C LYS A 32 -33.40 -1.61 35.27
N ASN A 33 -32.31 -1.74 34.52
CA ASN A 33 -31.05 -1.05 34.80
C ASN A 33 -30.48 -1.43 36.17
N GLU A 34 -30.33 -2.73 36.40
CA GLU A 34 -29.64 -3.16 37.62
C GLU A 34 -28.14 -2.90 37.55
N GLY A 35 -27.58 -2.82 36.34
CA GLY A 35 -26.16 -2.59 36.16
C GLY A 35 -25.72 -1.15 36.23
N GLY A 36 -26.66 -0.21 36.42
CA GLY A 36 -26.31 1.19 36.52
C GLY A 36 -25.74 1.77 35.23
N TRP A 37 -26.53 1.70 34.16
CA TRP A 37 -26.10 2.15 32.85
C TRP A 37 -26.55 3.58 32.59
N VAL A 38 -25.78 4.27 31.74
CA VAL A 38 -26.15 5.58 31.23
C VAL A 38 -25.95 5.55 29.73
N LEU A 39 -26.93 6.03 28.98
CA LEU A 39 -26.86 5.95 27.52
C LEU A 39 -25.79 6.90 26.99
N ASN A 40 -24.95 6.40 26.09
CA ASN A 40 -23.95 7.22 25.41
C ASN A 40 -24.64 7.91 24.23
N LYS A 41 -25.01 9.18 24.42
CA LYS A 41 -25.73 9.93 23.40
C LYS A 41 -24.84 10.41 22.26
N LYS A 42 -23.52 10.36 22.41
CA LYS A 42 -22.65 10.67 21.28
C LYS A 42 -22.68 9.55 20.25
N ALA A 43 -22.56 8.30 20.70
CA ALA A 43 -22.35 7.18 19.81
C ALA A 43 -23.64 6.50 19.38
N SER A 44 -24.69 6.53 20.19
CA SER A 44 -25.91 5.83 19.86
C SER A 44 -26.59 6.47 18.64
N ASP A 45 -27.23 5.63 17.82
CA ASP A 45 -27.85 6.10 16.59
C ASP A 45 -29.14 5.32 16.34
N GLU A 46 -30.25 6.03 16.29
CA GLU A 46 -31.54 5.42 15.95
C GLU A 46 -31.79 5.38 14.45
N PHE A 47 -30.88 5.94 13.65
CA PHE A 47 -30.94 5.89 12.19
C PHE A 47 -32.26 6.43 11.64
N LYS A 48 -32.73 7.53 12.21
CA LYS A 48 -33.87 8.22 11.62
C LYS A 48 -33.41 9.13 10.47
N GLY A 49 -34.38 9.60 9.70
CA GLY A 49 -34.09 10.56 8.65
C GLY A 49 -33.72 9.89 7.34
N LYS A 50 -32.98 10.64 6.51
CA LYS A 50 -32.67 10.20 5.16
C LYS A 50 -31.18 10.16 4.83
N LYS A 51 -30.32 10.58 5.75
CA LYS A 51 -28.90 10.70 5.43
C LYS A 51 -28.05 10.20 6.59
N LEU A 52 -26.84 9.77 6.28
CA LEU A 52 -25.90 9.30 7.29
C LEU A 52 -25.41 10.47 8.13
N ASN A 53 -25.28 10.24 9.43
CA ASN A 53 -24.59 11.18 10.32
C ASN A 53 -23.10 10.92 10.16
N GLU A 54 -22.47 11.64 9.24
CA GLU A 54 -21.05 11.46 8.94
C GLU A 54 -20.15 12.11 9.98
N GLU A 55 -20.71 12.76 11.00
CA GLU A 55 -19.93 13.15 12.16
C GLU A 55 -19.76 11.99 13.12
N ARG A 56 -20.71 11.06 13.11
CA ARG A 56 -20.63 9.89 13.98
C ARG A 56 -19.98 8.69 13.30
N TRP A 57 -20.17 8.52 11.99
CA TRP A 57 -19.73 7.34 11.26
C TRP A 57 -18.87 7.73 10.06
N PHE A 58 -17.84 6.91 9.80
CA PHE A 58 -17.23 6.94 8.48
C PHE A 58 -18.13 6.21 7.48
N PRO A 59 -18.26 6.72 6.25
CA PRO A 59 -19.21 6.12 5.29
C PRO A 59 -18.76 4.80 4.69
N ASN A 60 -17.51 4.40 4.90
CA ASN A 60 -16.99 3.11 4.46
C ASN A 60 -15.88 2.71 5.45
N ASN A 61 -15.02 1.78 5.03
CA ASN A 61 -13.90 1.40 5.88
C ASN A 61 -12.61 1.98 5.31
N PRO A 62 -12.07 3.05 5.90
CA PRO A 62 -10.86 3.66 5.33
C PRO A 62 -9.63 2.75 5.36
N LYS A 63 -9.66 1.67 6.14
CA LYS A 63 -8.47 0.83 6.33
C LYS A 63 -8.60 -0.57 5.77
N TRP A 64 -9.71 -0.89 5.11
CA TRP A 64 -9.92 -2.23 4.57
C TRP A 64 -10.83 -2.11 3.36
N LYS A 65 -10.32 -2.47 2.18
CA LYS A 65 -11.12 -2.35 0.96
C LYS A 65 -12.20 -3.42 0.88
N GLY A 66 -11.97 -4.55 1.54
CA GLY A 66 -12.92 -5.66 1.53
C GLY A 66 -12.27 -6.98 1.18
N ARG A 67 -12.89 -8.09 1.57
CA ARG A 67 -12.40 -9.41 1.19
C ARG A 67 -12.92 -9.76 -0.20
N GLN A 68 -12.02 -9.97 -1.14
CA GLN A 68 -12.43 -10.32 -2.49
C GLN A 68 -13.44 -11.46 -2.44
N PRO A 69 -14.49 -11.43 -3.28
CA PRO A 69 -14.74 -10.45 -4.34
C PRO A 69 -15.65 -9.29 -3.99
N THR A 70 -15.87 -8.95 -2.72
CA THR A 70 -16.79 -7.89 -2.34
C THR A 70 -16.03 -6.66 -1.85
N PHE A 71 -16.32 -5.53 -2.46
CA PHE A 71 -15.63 -4.26 -2.25
C PHE A 71 -16.58 -3.29 -1.56
N PHE A 72 -16.13 -2.68 -0.46
CA PHE A 72 -16.99 -1.76 0.28
C PHE A 72 -17.15 -0.44 -0.45
N ALA A 73 -18.39 0.06 -0.51
CA ALA A 73 -18.69 1.31 -1.19
C ALA A 73 -19.69 2.12 -0.38
N LYS A 74 -19.59 3.44 -0.51
CA LYS A 74 -20.44 4.33 0.27
C LYS A 74 -21.89 4.30 -0.22
N GLU A 75 -22.11 4.16 -1.52
CA GLU A 75 -23.44 4.28 -2.07
C GLU A 75 -24.35 3.13 -1.66
N ASN A 76 -23.78 2.02 -1.19
CA ASN A 76 -24.55 0.85 -0.82
C ASN A 76 -25.31 1.01 0.49
N THR A 77 -25.12 2.12 1.20
CA THR A 77 -25.73 2.35 2.49
C THR A 77 -26.68 3.54 2.37
N THR A 78 -27.97 3.32 2.62
CA THR A 78 -28.97 4.36 2.59
C THR A 78 -29.73 4.34 3.92
N PHE A 79 -30.73 5.20 4.04
CA PHE A 79 -31.47 5.35 5.29
C PHE A 79 -32.95 5.52 4.98
N GLU A 80 -33.76 4.55 5.41
CA GLU A 80 -35.17 4.50 5.04
C GLU A 80 -35.99 3.96 6.20
N ASP A 81 -37.10 4.64 6.49
CA ASP A 81 -38.10 4.17 7.46
C ASP A 81 -37.46 3.89 8.81
N GLY A 82 -36.54 4.76 9.22
CA GLY A 82 -35.87 4.62 10.51
C GLY A 82 -34.86 3.51 10.59
N CYS A 83 -34.36 3.03 9.45
CA CYS A 83 -33.34 2.00 9.43
C CYS A 83 -32.21 2.40 8.50
N CYS A 84 -30.99 2.01 8.88
CA CYS A 84 -29.87 1.97 7.95
C CYS A 84 -30.03 0.72 7.07
N VAL A 85 -29.95 0.91 5.76
CA VAL A 85 -30.22 -0.15 4.79
C VAL A 85 -28.95 -0.38 3.97
N MET A 86 -28.43 -1.60 3.98
CA MET A 86 -27.25 -1.96 3.22
C MET A 86 -27.61 -2.98 2.14
N ARG A 87 -27.24 -2.68 0.90
CA ARG A 87 -27.54 -3.53 -0.24
C ARG A 87 -26.23 -3.97 -0.92
N THR A 88 -26.34 -5.00 -1.75
CA THR A 88 -25.22 -5.53 -2.51
C THR A 88 -25.48 -5.34 -4.01
N TYR A 89 -24.49 -4.83 -4.73
CA TYR A 89 -24.63 -4.57 -6.15
C TYR A 89 -23.52 -5.26 -6.92
N LYS A 90 -23.73 -5.38 -8.24
CA LYS A 90 -22.71 -5.88 -9.15
C LYS A 90 -22.45 -4.83 -10.22
N PRO A 91 -21.41 -4.01 -10.07
CA PRO A 91 -21.15 -2.98 -11.09
C PRO A 91 -20.76 -3.60 -12.42
N GLU A 92 -20.77 -2.76 -13.45
CA GLU A 92 -20.34 -3.20 -14.77
C GLU A 92 -18.93 -3.76 -14.69
N ALA A 93 -18.66 -4.74 -15.56
CA ALA A 93 -17.36 -5.40 -15.55
C ALA A 93 -16.23 -4.38 -15.73
N GLY A 94 -15.13 -4.61 -15.04
CA GLY A 94 -13.99 -3.72 -15.07
C GLY A 94 -14.11 -2.48 -14.21
N SER A 95 -15.23 -2.29 -13.51
CA SER A 95 -15.42 -1.08 -12.72
C SER A 95 -14.65 -1.10 -11.41
N LEU A 96 -14.44 -2.26 -10.82
CA LEU A 96 -13.77 -2.39 -9.54
C LEU A 96 -12.33 -2.83 -9.71
N PRO A 97 -11.50 -2.65 -8.69
CA PRO A 97 -10.11 -3.13 -8.75
C PRO A 97 -10.07 -4.64 -8.99
N GLU A 98 -8.88 -5.11 -9.40
CA GLU A 98 -8.70 -6.50 -9.75
C GLU A 98 -9.13 -7.41 -8.60
N GLY A 99 -9.87 -8.46 -8.94
CA GLY A 99 -10.33 -9.43 -7.96
C GLY A 99 -11.67 -9.14 -7.34
N TYR A 100 -12.23 -7.95 -7.54
CA TYR A 100 -13.52 -7.59 -6.96
C TYR A 100 -14.59 -7.53 -8.04
N THR A 101 -15.78 -8.03 -7.71
CA THR A 101 -16.90 -8.03 -8.63
C THR A 101 -18.19 -7.47 -8.08
N HIS A 102 -18.37 -7.42 -6.76
CA HIS A 102 -19.59 -6.91 -6.15
C HIS A 102 -19.22 -5.89 -5.07
N THR A 103 -20.22 -5.12 -4.66
CA THR A 103 -20.05 -4.09 -3.64
C THR A 103 -21.01 -4.34 -2.49
N ALA A 104 -20.63 -3.84 -1.31
CA ALA A 104 -21.43 -3.95 -0.10
C ALA A 104 -21.17 -2.71 0.75
N GLY A 105 -22.03 -2.52 1.77
CA GLY A 105 -21.90 -1.37 2.64
C GLY A 105 -21.02 -1.64 3.86
N PHE A 106 -20.51 -0.55 4.44
CA PHE A 106 -19.66 -0.62 5.63
C PHE A 106 -19.66 0.74 6.33
N LEU A 107 -19.94 0.74 7.63
CA LEU A 107 -19.89 1.91 8.49
C LEU A 107 -18.96 1.64 9.66
N VAL A 108 -18.10 2.62 9.97
CA VAL A 108 -17.13 2.53 11.06
C VAL A 108 -17.33 3.71 12.01
N SER A 109 -17.38 3.44 13.30
CA SER A 109 -17.59 4.51 14.28
C SER A 109 -16.37 5.41 14.38
N LYS A 110 -16.61 6.70 14.46
CA LYS A 110 -15.51 7.62 14.72
C LYS A 110 -15.08 7.58 16.18
N GLU A 111 -15.95 7.14 17.08
CA GLU A 111 -15.61 7.04 18.51
C GLU A 111 -14.96 5.70 18.80
N LEU A 112 -14.05 5.70 19.80
CA LEU A 112 -13.44 4.50 20.33
C LEU A 112 -14.06 4.16 21.67
N PHE A 113 -14.21 2.87 21.97
CA PHE A 113 -14.85 2.41 23.18
C PHE A 113 -13.99 1.39 23.90
N LEU A 114 -14.04 1.41 25.23
CA LEU A 114 -13.39 0.39 26.07
C LEU A 114 -14.33 0.05 27.22
N TYR A 115 -14.97 -1.13 27.14
CA TYR A 115 -15.94 -1.60 28.13
C TYR A 115 -17.27 -0.85 28.00
N GLY A 116 -18.35 -1.47 28.45
CA GLY A 116 -19.69 -0.90 28.40
C GLY A 116 -20.67 -1.92 27.87
N TYR A 117 -21.86 -1.44 27.54
CA TYR A 117 -22.87 -2.27 26.90
C TYR A 117 -23.11 -1.78 25.48
N PHE A 118 -23.15 -2.73 24.53
CA PHE A 118 -23.27 -2.41 23.11
C PHE A 118 -24.38 -3.25 22.50
N GLU A 119 -25.35 -2.61 21.87
CA GLU A 119 -26.55 -3.30 21.42
C GLU A 119 -26.93 -2.86 20.02
N ALA A 120 -27.44 -3.79 19.22
CA ALA A 120 -27.89 -3.48 17.88
C ALA A 120 -29.08 -4.34 17.51
N ARG A 121 -30.05 -3.74 16.82
CA ARG A 121 -31.23 -4.45 16.33
C ARG A 121 -31.08 -4.62 14.83
N LEU A 122 -31.04 -5.87 14.36
CA LEU A 122 -30.62 -6.19 13.00
C LEU A 122 -31.62 -7.12 12.34
N ARG A 123 -31.96 -6.83 11.08
CA ARG A 123 -32.71 -7.71 10.20
C ARG A 123 -31.77 -8.21 9.12
N PRO A 124 -31.34 -9.47 9.15
CA PRO A 124 -30.31 -9.93 8.22
C PRO A 124 -30.76 -9.90 6.77
N ASN A 125 -29.79 -9.76 5.88
CA ASN A 125 -30.05 -9.88 4.45
C ASN A 125 -30.19 -11.35 4.07
N ASP A 126 -31.20 -11.64 3.25
CA ASP A 126 -31.44 -12.99 2.77
C ASP A 126 -30.68 -13.25 1.47
N SER A 127 -29.36 -13.07 1.55
CA SER A 127 -28.47 -13.25 0.41
C SER A 127 -27.14 -13.76 0.92
N PRO A 128 -26.34 -14.38 0.05
CA PRO A 128 -25.10 -15.01 0.50
C PRO A 128 -23.99 -14.03 0.83
N TRP A 129 -24.28 -13.04 1.68
CA TRP A 129 -23.28 -12.11 2.21
C TRP A 129 -23.35 -12.16 3.72
N VAL A 130 -22.20 -12.34 4.37
CA VAL A 130 -22.11 -12.21 5.82
C VAL A 130 -22.59 -10.83 6.23
N PHE A 131 -23.45 -10.77 7.24
CA PHE A 131 -23.83 -9.51 7.87
C PHE A 131 -23.16 -9.43 9.22
N GLY A 132 -22.66 -8.24 9.55
CA GLY A 132 -21.80 -8.10 10.69
C GLY A 132 -22.06 -6.85 11.48
N PHE A 133 -22.07 -7.03 12.80
CA PHE A 133 -22.05 -5.98 13.80
C PHE A 133 -20.95 -6.38 14.79
N TRP A 134 -19.83 -5.66 14.78
CA TRP A 134 -18.66 -6.14 15.52
C TRP A 134 -17.76 -4.98 15.94
N MET A 135 -16.69 -5.30 16.66
CA MET A 135 -15.81 -4.25 17.15
C MET A 135 -14.35 -4.65 16.95
N SER A 136 -13.52 -3.68 16.59
CA SER A 136 -12.14 -4.05 16.26
C SER A 136 -11.22 -2.86 16.42
N ASN A 137 -9.94 -3.16 16.60
CA ASN A 137 -8.91 -2.12 16.54
C ASN A 137 -7.58 -2.78 16.21
N ASN A 138 -6.91 -2.23 15.20
CA ASN A 138 -5.55 -2.61 14.81
C ASN A 138 -4.70 -1.35 14.91
N GLU A 139 -3.94 -1.23 16.00
CA GLU A 139 -3.25 0.01 16.33
C GLU A 139 -1.98 -0.31 17.10
N ARG A 140 -0.84 0.20 16.60
CA ARG A 140 0.45 0.10 17.29
C ARG A 140 0.77 -1.34 17.69
N ASN A 141 0.72 -2.24 16.71
CA ASN A 141 1.07 -3.63 16.94
C ASN A 141 0.18 -4.30 17.98
N TRP A 142 -1.00 -3.74 18.23
CA TRP A 142 -2.02 -4.38 19.04
C TRP A 142 -3.29 -4.47 18.21
N TRP A 143 -3.75 -5.68 17.93
CA TRP A 143 -4.87 -5.88 17.02
C TRP A 143 -5.78 -6.95 17.64
N THR A 144 -6.98 -6.52 18.04
CA THR A 144 -7.98 -7.40 18.64
C THR A 144 -9.36 -7.10 18.06
N LEU A 145 -10.29 -8.03 18.31
CA LEU A 145 -11.59 -8.01 17.66
C LEU A 145 -12.60 -8.79 18.46
N ILE A 146 -13.80 -8.23 18.63
CA ILE A 146 -14.92 -8.93 19.24
C ILE A 146 -16.01 -9.07 18.19
N ASP A 147 -16.27 -10.32 17.77
N ASP A 147 -16.28 -10.32 17.78
CA ASP A 147 -17.25 -10.60 16.72
CA ASP A 147 -17.24 -10.60 16.73
C ASP A 147 -18.61 -10.87 17.36
C ASP A 147 -18.61 -10.87 17.36
N ILE A 148 -19.26 -9.79 17.78
CA ILE A 148 -20.59 -9.90 18.37
C ILE A 148 -21.54 -10.62 17.42
N CYS A 149 -21.57 -10.18 16.16
CA CYS A 149 -22.48 -10.74 15.16
C CYS A 149 -21.75 -10.85 13.84
N GLU A 150 -21.49 -12.08 13.40
CA GLU A 150 -20.90 -12.37 12.09
C GLU A 150 -21.64 -13.61 11.58
N ASN A 151 -22.69 -13.40 10.78
CA ASN A 151 -23.51 -14.53 10.39
C ASN A 151 -23.94 -14.41 8.93
N CYS A 152 -24.25 -15.55 8.32
CA CYS A 152 -24.75 -15.57 6.94
C CYS A 152 -25.92 -16.54 6.84
N PRO A 153 -27.07 -16.19 7.42
CA PRO A 153 -28.29 -16.97 7.18
C PRO A 153 -28.80 -16.87 5.77
N GLY A 154 -28.29 -15.91 4.99
CA GLY A 154 -28.61 -15.85 3.57
C GLY A 154 -28.18 -17.09 2.80
N ASN A 155 -27.19 -17.81 3.31
CA ASN A 155 -26.89 -19.16 2.84
C ASN A 155 -27.85 -20.09 3.57
N PRO A 156 -28.84 -20.67 2.86
CA PRO A 156 -29.89 -21.45 3.53
C PRO A 156 -29.36 -22.52 4.47
N ALA A 157 -28.12 -22.97 4.26
CA ALA A 157 -27.55 -23.99 5.14
C ALA A 157 -27.22 -23.48 6.53
N ASN A 158 -27.22 -22.15 6.74
CA ASN A 158 -26.84 -21.53 8.01
C ASN A 158 -28.01 -20.92 8.76
N ARG A 159 -29.25 -21.20 8.36
CA ARG A 159 -30.39 -20.46 8.87
C ARG A 159 -30.54 -20.58 10.38
N HIS A 160 -30.14 -21.72 10.96
CA HIS A 160 -30.33 -21.96 12.38
C HIS A 160 -29.05 -21.87 13.18
N ASP A 161 -28.03 -21.18 12.67
CA ASP A 161 -26.77 -21.00 13.36
C ASP A 161 -26.70 -19.61 13.98
N LEU A 162 -26.14 -19.53 15.19
CA LEU A 162 -25.75 -18.27 15.81
C LEU A 162 -24.28 -18.39 16.18
N ASN A 163 -23.42 -17.65 15.48
CA ASN A 163 -21.98 -17.75 15.68
C ASN A 163 -21.47 -16.70 16.67
N SER A 164 -20.30 -16.97 17.25
CA SER A 164 -19.62 -16.02 18.11
C SER A 164 -18.12 -16.27 18.04
N ASN A 165 -17.35 -15.19 18.21
CA ASN A 165 -15.90 -15.35 18.14
C ASN A 165 -15.25 -14.10 18.72
N VAL A 166 -14.03 -14.29 19.22
CA VAL A 166 -13.19 -13.20 19.68
C VAL A 166 -11.77 -13.50 19.22
N HIS A 167 -11.08 -12.47 18.73
CA HIS A 167 -9.79 -12.62 18.08
C HIS A 167 -8.72 -11.78 18.77
N VAL A 168 -7.49 -12.29 18.79
CA VAL A 168 -6.32 -11.50 19.13
C VAL A 168 -5.35 -11.71 17.98
N PHE A 169 -5.32 -10.76 17.04
CA PHE A 169 -4.40 -10.90 15.91
C PHE A 169 -2.96 -10.64 16.36
N LYS A 170 -2.77 -9.69 17.27
CA LYS A 170 -1.43 -9.47 17.80
C LYS A 170 -1.51 -8.66 19.08
N ALA A 171 -0.55 -8.90 19.98
CA ALA A 171 -0.53 -8.22 21.27
C ALA A 171 0.90 -8.11 21.78
N PRO A 172 1.30 -6.93 22.28
CA PRO A 172 2.66 -6.76 22.80
C PRO A 172 2.93 -7.71 23.96
N ALA A 173 4.19 -7.70 24.42
CA ALA A 173 4.61 -8.67 25.43
C ALA A 173 3.86 -8.50 26.74
N ASP A 174 3.46 -7.28 27.09
CA ASP A 174 2.80 -7.00 28.36
C ASP A 174 1.28 -7.03 28.26
N LYS A 175 0.72 -7.36 27.10
CA LYS A 175 -0.73 -7.36 26.92
C LYS A 175 -1.23 -8.69 26.38
N GLY A 176 -0.47 -9.77 26.57
CA GLY A 176 -0.87 -11.08 26.11
C GLY A 176 0.25 -11.81 25.41
N ASP A 177 1.20 -11.06 24.86
CA ASP A 177 2.35 -11.62 24.14
C ASP A 177 1.89 -12.62 23.08
N ILE A 178 1.09 -12.12 22.15
CA ILE A 178 0.52 -12.92 21.08
C ILE A 178 1.21 -12.53 19.77
N LYS A 179 1.93 -13.48 19.19
CA LYS A 179 2.61 -13.27 17.92
C LYS A 179 1.93 -13.96 16.74
N LYS A 180 1.05 -14.92 17.00
CA LYS A 180 0.29 -15.60 15.98
C LYS A 180 -1.19 -15.43 16.26
N HIS A 181 -1.96 -15.20 15.20
CA HIS A 181 -3.39 -14.98 15.33
C HIS A 181 -4.05 -16.13 16.09
N ILE A 182 -4.85 -15.78 17.09
CA ILE A 182 -5.62 -16.75 17.86
C ILE A 182 -7.07 -16.30 17.91
N ASN A 183 -7.98 -17.26 17.98
CA ASN A 183 -9.39 -16.93 18.08
C ASN A 183 -10.12 -18.11 18.71
N PHE A 184 -11.34 -17.86 19.18
CA PHE A 184 -12.10 -18.84 19.96
C PHE A 184 -13.56 -18.87 19.49
N PRO A 185 -13.83 -19.51 18.37
CA PRO A 185 -15.19 -19.54 17.83
C PRO A 185 -16.09 -20.52 18.57
N ALA A 186 -17.39 -20.23 18.55
CA ALA A 186 -18.39 -21.13 19.12
C ALA A 186 -19.72 -20.84 18.45
N LYS A 187 -20.40 -21.90 18.01
CA LYS A 187 -21.70 -21.80 17.35
C LYS A 187 -22.79 -22.35 18.26
N TYR A 188 -24.01 -21.85 18.10
CA TYR A 188 -25.15 -22.30 18.90
C TYR A 188 -26.37 -22.48 18.00
N TYR A 189 -27.29 -23.34 18.43
CA TYR A 189 -28.50 -23.59 17.66
C TYR A 189 -29.62 -22.68 18.14
N ILE A 190 -30.29 -22.01 17.19
CA ILE A 190 -31.45 -21.17 17.47
C ILE A 190 -32.67 -21.77 16.77
N PRO A 191 -33.84 -21.79 17.43
CA PRO A 191 -35.00 -22.50 16.85
C PRO A 191 -35.68 -21.79 15.69
N PHE A 192 -35.31 -20.55 15.40
CA PHE A 192 -35.92 -19.79 14.31
C PHE A 192 -34.90 -19.57 13.20
N GLU A 193 -35.39 -19.38 11.99
CA GLU A 193 -34.53 -18.99 10.88
C GLU A 193 -34.09 -17.54 11.07
N LEU A 194 -32.78 -17.33 11.09
CA LEU A 194 -32.23 -16.06 11.54
C LEU A 194 -32.64 -14.90 10.64
N GLN A 195 -32.75 -15.13 9.33
CA GLN A 195 -32.98 -14.05 8.39
C GLN A 195 -34.42 -13.55 8.34
N LYS A 196 -35.33 -14.13 9.14
CA LYS A 196 -36.75 -13.83 8.94
C LYS A 196 -37.18 -12.52 9.60
N ASP A 197 -36.62 -12.19 10.77
CA ASP A 197 -37.10 -11.05 11.54
C ASP A 197 -35.94 -10.29 12.16
N PHE A 198 -36.26 -9.16 12.77
CA PHE A 198 -35.28 -8.41 13.55
C PHE A 198 -34.90 -9.19 14.80
N HIS A 199 -33.64 -9.09 15.19
CA HIS A 199 -33.17 -9.66 16.45
C HIS A 199 -32.17 -8.69 17.06
N VAL A 200 -32.00 -8.79 18.38
CA VAL A 200 -31.21 -7.82 19.15
C VAL A 200 -29.96 -8.50 19.68
N TRP A 201 -28.80 -8.03 19.23
CA TRP A 201 -27.50 -8.51 19.70
C TRP A 201 -26.98 -7.59 20.78
N GLY A 202 -26.53 -8.17 21.89
CA GLY A 202 -26.02 -7.39 23.01
C GLY A 202 -24.68 -7.90 23.49
N LEU A 203 -23.86 -6.97 23.95
CA LEU A 203 -22.53 -7.26 24.47
C LEU A 203 -22.32 -6.48 25.75
N ASP A 204 -22.09 -7.19 26.86
CA ASP A 204 -21.66 -6.62 28.12
C ASP A 204 -20.16 -6.87 28.23
N TRP A 205 -19.38 -5.81 28.06
CA TRP A 205 -17.93 -5.88 27.95
C TRP A 205 -17.33 -5.24 29.20
N SER A 206 -16.72 -6.05 30.05
CA SER A 206 -16.06 -5.56 31.26
C SER A 206 -14.63 -6.06 31.31
N LYS A 207 -13.87 -5.54 32.27
CA LYS A 207 -12.50 -6.01 32.45
C LYS A 207 -12.46 -7.50 32.78
N GLU A 208 -13.52 -8.02 33.39
CA GLU A 208 -13.54 -9.41 33.84
C GLU A 208 -14.12 -10.37 32.80
N TYR A 209 -15.19 -9.97 32.11
CA TYR A 209 -15.89 -10.89 31.23
C TYR A 209 -16.39 -10.20 29.97
N ILE A 210 -16.54 -11.01 28.92
CA ILE A 210 -17.29 -10.64 27.73
C ILE A 210 -18.57 -11.48 27.74
N ARG A 211 -19.72 -10.84 27.79
CA ARG A 211 -21.00 -11.52 27.85
C ARG A 211 -21.83 -11.20 26.61
N LEU A 212 -22.27 -12.23 25.91
CA LEU A 212 -22.99 -12.11 24.65
C LEU A 212 -24.43 -12.56 24.82
N TYR A 213 -25.36 -11.69 24.41
CA TYR A 213 -26.80 -11.85 24.56
C TYR A 213 -27.50 -11.81 23.20
N ILE A 214 -28.56 -12.59 23.07
CA ILE A 214 -29.40 -12.58 21.86
C ILE A 214 -30.85 -12.40 22.31
N ASP A 215 -31.51 -11.38 21.79
CA ASP A 215 -32.87 -11.04 22.19
C ASP A 215 -32.99 -10.97 23.72
N GLY A 216 -31.94 -10.47 24.36
CA GLY A 216 -31.92 -10.30 25.80
C GLY A 216 -31.48 -11.50 26.60
N VAL A 217 -31.24 -12.65 25.96
CA VAL A 217 -30.92 -13.90 26.62
C VAL A 217 -29.41 -14.12 26.59
N LEU A 218 -28.83 -14.36 27.76
CA LEU A 218 -27.39 -14.63 27.82
C LEU A 218 -27.09 -15.97 27.16
N TYR A 219 -26.20 -15.96 26.17
CA TYR A 219 -25.84 -17.21 25.52
C TYR A 219 -24.35 -17.50 25.52
N ARG A 220 -23.49 -16.52 25.79
CA ARG A 220 -22.08 -16.87 25.94
C ARG A 220 -21.39 -15.99 26.98
N GLU A 221 -20.49 -16.60 27.76
CA GLU A 221 -19.65 -15.89 28.72
C GLU A 221 -18.19 -16.27 28.47
N ILE A 222 -17.32 -15.27 28.36
CA ILE A 222 -15.91 -15.48 28.06
C ILE A 222 -15.08 -14.74 29.09
N GLU A 223 -14.08 -15.42 29.65
CA GLU A 223 -13.13 -14.75 30.54
C GLU A 223 -12.27 -13.80 29.73
N ASN A 224 -12.31 -12.51 30.08
CA ASN A 224 -11.67 -11.47 29.28
C ASN A 224 -10.19 -11.41 29.61
N LYS A 225 -9.40 -12.25 28.93
CA LYS A 225 -7.97 -12.34 29.17
C LYS A 225 -7.15 -11.43 28.27
N TYR A 226 -7.68 -11.02 27.12
CA TYR A 226 -6.92 -10.26 26.14
C TYR A 226 -7.59 -8.98 25.66
N TRP A 227 -8.90 -8.83 25.82
CA TRP A 227 -9.63 -7.76 25.12
C TRP A 227 -9.76 -6.55 26.05
N HIS A 228 -8.63 -5.83 26.17
CA HIS A 228 -8.56 -4.62 26.97
C HIS A 228 -8.12 -3.43 26.14
N GLN A 229 -8.27 -3.51 24.81
CA GLN A 229 -7.92 -2.49 23.84
C GLN A 229 -9.16 -1.74 23.39
N PRO A 230 -9.13 -0.41 23.32
CA PRO A 230 -10.29 0.32 22.78
C PRO A 230 -10.59 -0.12 21.35
N LEU A 231 -11.88 -0.23 21.04
CA LEU A 231 -12.33 -0.77 19.76
C LEU A 231 -13.34 0.16 19.12
N ARG A 232 -13.45 0.07 17.80
CA ARG A 232 -14.46 0.78 17.02
C ARG A 232 -15.58 -0.18 16.63
N ILE A 233 -16.78 0.38 16.45
CA ILE A 233 -17.96 -0.38 16.01
C ILE A 233 -18.02 -0.38 14.49
N ASN A 234 -18.27 -1.56 13.93
CA ASN A 234 -18.37 -1.81 12.50
C ASN A 234 -19.71 -2.45 12.19
N LEU A 235 -20.36 -1.95 11.14
CA LEU A 235 -21.58 -2.52 10.59
C LEU A 235 -21.35 -2.75 9.10
N ASN A 236 -21.59 -3.97 8.61
CA ASN A 236 -21.23 -4.19 7.21
C ASN A 236 -21.84 -5.48 6.67
N ASN A 237 -21.72 -5.64 5.36
CA ASN A 237 -21.83 -6.89 4.62
C ASN A 237 -20.47 -7.24 4.05
N GLU A 238 -20.18 -8.53 3.92
CA GLU A 238 -18.91 -8.94 3.33
C GLU A 238 -19.00 -10.37 2.80
N SER A 239 -18.04 -10.75 1.97
CA SER A 239 -17.93 -12.11 1.47
C SER A 239 -16.95 -12.90 2.34
N ASN A 240 -17.23 -14.20 2.47
CA ASN A 240 -16.38 -15.09 3.26
C ASN A 240 -16.69 -16.52 2.84
N LYS A 241 -15.71 -17.21 2.27
CA LYS A 241 -15.96 -18.57 1.77
C LYS A 241 -16.30 -19.54 2.91
N TRP A 242 -15.83 -19.25 4.13
CA TRP A 242 -16.07 -20.17 5.23
C TRP A 242 -17.56 -20.33 5.53
N PHE A 243 -18.33 -19.26 5.36
CA PHE A 243 -19.78 -19.28 5.57
C PHE A 243 -20.54 -19.66 4.31
N GLY A 244 -19.85 -20.02 3.24
CA GLY A 244 -20.50 -20.11 1.95
C GLY A 244 -21.02 -18.79 1.46
N ALA A 245 -20.42 -17.69 1.93
CA ALA A 245 -20.92 -16.35 1.59
C ALA A 245 -20.16 -15.81 0.37
N LEU A 246 -20.48 -16.38 -0.79
CA LEU A 246 -19.96 -15.88 -2.06
C LEU A 246 -21.09 -15.34 -2.91
N PRO A 247 -20.81 -14.36 -3.78
CA PRO A 247 -21.90 -13.68 -4.49
C PRO A 247 -22.73 -14.63 -5.34
N ASP A 248 -24.02 -14.31 -5.44
CA ASP A 248 -24.95 -15.01 -6.31
C ASP A 248 -25.74 -13.96 -7.05
N ASP A 249 -25.54 -13.88 -8.37
CA ASP A 249 -26.18 -12.81 -9.14
C ASP A 249 -27.69 -12.93 -9.14
N ASN A 250 -28.23 -14.12 -8.87
CA ASN A 250 -29.67 -14.34 -8.84
C ASN A 250 -30.26 -14.24 -7.44
N ASN A 251 -29.45 -13.87 -6.45
CA ASN A 251 -29.92 -13.71 -5.08
C ASN A 251 -29.06 -12.64 -4.38
N MET A 252 -29.09 -11.43 -4.92
CA MET A 252 -28.34 -10.31 -4.35
C MET A 252 -29.20 -9.06 -4.20
N ASP A 253 -30.52 -9.21 -4.13
CA ASP A 253 -31.44 -8.08 -4.08
C ASP A 253 -32.01 -7.85 -2.69
N SER A 254 -31.45 -8.48 -1.65
CA SER A 254 -31.99 -8.36 -0.31
C SER A 254 -31.40 -7.13 0.39
N GLU A 255 -31.80 -6.92 1.64
CA GLU A 255 -31.41 -5.74 2.40
C GLU A 255 -31.01 -6.14 3.81
N TYR A 256 -29.85 -5.65 4.23
CA TYR A 256 -29.40 -5.76 5.62
C TYR A 256 -29.89 -4.51 6.36
N LEU A 257 -30.75 -4.70 7.36
CA LEU A 257 -31.39 -3.58 8.04
C LEU A 257 -30.84 -3.43 9.45
N ILE A 258 -30.46 -2.20 9.81
CA ILE A 258 -30.03 -1.87 11.17
C ILE A 258 -30.99 -0.84 11.71
N ASP A 259 -31.82 -1.25 12.68
CA ASP A 259 -32.79 -0.34 13.29
C ASP A 259 -32.09 0.66 14.20
N TYR A 260 -31.16 0.20 15.03
CA TYR A 260 -30.45 1.11 15.91
C TYR A 260 -29.14 0.46 16.36
N VAL A 261 -28.24 1.32 16.83
CA VAL A 261 -27.06 0.92 17.59
C VAL A 261 -27.05 1.76 18.86
N ARG A 262 -27.01 1.11 20.01
CA ARG A 262 -27.05 1.79 21.30
C ARG A 262 -25.83 1.41 22.13
N VAL A 263 -25.25 2.40 22.80
CA VAL A 263 -24.09 2.21 23.65
C VAL A 263 -24.37 2.81 25.01
N TRP A 264 -23.98 2.10 26.07
CA TRP A 264 -24.11 2.55 27.44
C TRP A 264 -22.75 2.50 28.13
N TYR A 265 -22.57 3.39 29.11
CA TYR A 265 -21.41 3.32 29.98
C TYR A 265 -21.86 3.26 31.44
N LYS A 266 -20.91 2.96 32.32
CA LYS A 266 -21.22 2.75 33.73
C LYS A 266 -21.18 4.07 34.49
N LYS A 267 -22.10 4.22 35.43
CA LYS A 267 -22.03 5.31 36.40
C LYS A 267 -22.25 6.67 35.75
N SER B 3 15.96 17.02 -14.28
CA SER B 3 16.83 17.31 -15.41
C SER B 3 16.57 18.72 -15.94
N SER B 4 16.83 18.93 -17.23
CA SER B 4 16.66 20.25 -17.83
C SER B 4 15.21 20.56 -18.19
N HIS B 5 14.34 19.54 -18.25
CA HIS B 5 12.95 19.76 -18.62
C HIS B 5 12.21 20.66 -17.63
N HIS B 6 12.76 20.90 -16.44
CA HIS B 6 12.11 21.81 -15.51
C HIS B 6 12.29 23.27 -15.92
N HIS B 7 13.40 23.59 -16.62
CA HIS B 7 13.71 24.95 -17.00
C HIS B 7 13.59 25.21 -18.49
N HIS B 8 13.78 24.19 -19.32
CA HIS B 8 14.07 24.39 -20.75
C HIS B 8 12.78 24.52 -21.55
N HIS B 9 12.53 25.72 -22.07
CA HIS B 9 11.54 25.94 -23.11
C HIS B 9 12.22 25.68 -24.45
N HIS B 10 11.83 24.58 -25.12
CA HIS B 10 12.43 24.30 -26.42
C HIS B 10 12.17 25.41 -27.41
N GLY B 11 11.03 26.09 -27.27
CA GLY B 11 10.70 27.21 -28.15
C GLY B 11 9.39 27.82 -27.68
N SER B 12 8.99 28.86 -28.39
CA SER B 12 7.69 29.48 -28.16
C SER B 12 6.71 29.04 -29.23
N ILE B 13 5.43 29.10 -28.89
CA ILE B 13 4.34 28.69 -29.78
C ILE B 13 3.63 29.95 -30.25
N ASP B 14 3.59 30.15 -31.56
CA ASP B 14 2.96 31.33 -32.15
C ASP B 14 1.51 31.03 -32.50
N PHE B 15 0.61 31.91 -32.07
CA PHE B 15 -0.82 31.76 -32.30
C PHE B 15 -1.39 32.81 -33.24
N SER B 16 -0.52 33.60 -33.90
CA SER B 16 -1.03 34.62 -34.81
C SER B 16 -1.78 34.02 -35.99
N ASN B 17 -1.35 32.84 -36.46
CA ASN B 17 -2.00 32.14 -37.57
C ASN B 17 -2.73 30.89 -37.10
N ALA B 18 -3.21 30.90 -35.85
CA ALA B 18 -3.94 29.75 -35.35
C ALA B 18 -5.22 29.56 -36.16
N PRO B 19 -5.60 28.32 -36.46
CA PRO B 19 -6.81 28.09 -37.27
C PRO B 19 -8.05 28.65 -36.58
N LYS B 20 -8.96 29.18 -37.38
CA LYS B 20 -10.24 29.65 -36.89
C LYS B 20 -11.23 28.51 -36.78
N ARG B 21 -12.14 28.62 -35.81
CA ARG B 21 -13.18 27.61 -35.61
C ARG B 21 -14.23 27.74 -36.70
N LEU B 22 -14.34 26.73 -37.56
CA LEU B 22 -15.32 26.70 -38.63
C LEU B 22 -16.48 25.74 -38.37
N ASN B 23 -16.22 24.62 -37.71
CA ASN B 23 -17.25 23.62 -37.50
C ASN B 23 -16.88 22.77 -36.29
N ASN B 24 -17.86 22.02 -35.79
CA ASN B 24 -17.63 21.09 -34.70
C ASN B 24 -17.63 19.64 -35.16
N LYS B 25 -17.34 19.41 -36.45
CA LYS B 25 -17.37 18.07 -37.03
C LYS B 25 -16.00 17.49 -37.31
N TYR B 26 -14.95 18.32 -37.37
CA TYR B 26 -13.62 17.85 -37.68
C TYR B 26 -12.60 18.48 -36.74
N PRO B 27 -11.38 17.97 -36.71
CA PRO B 27 -10.38 18.52 -35.77
C PRO B 27 -10.13 19.99 -36.04
N LEU B 28 -9.81 20.72 -34.97
CA LEU B 28 -9.55 22.16 -35.09
C LEU B 28 -8.34 22.43 -35.98
N SER B 29 -7.36 21.54 -35.98
CA SER B 29 -6.18 21.70 -36.82
C SER B 29 -6.40 21.27 -38.26
N ASP B 30 -7.59 20.76 -38.60
CA ASP B 30 -7.87 20.28 -39.94
C ASP B 30 -9.37 20.43 -40.22
N GLN B 31 -9.84 21.69 -40.15
CA GLN B 31 -11.27 21.96 -40.26
C GLN B 31 -11.85 21.64 -41.63
N LYS B 32 -11.03 21.59 -42.67
CA LYS B 32 -11.51 21.23 -43.99
C LYS B 32 -11.40 19.73 -44.27
N ASN B 33 -10.89 18.95 -43.31
CA ASN B 33 -10.81 17.51 -43.42
C ASN B 33 -9.97 17.06 -44.62
N GLU B 34 -8.74 17.59 -44.70
CA GLU B 34 -7.81 17.12 -45.72
C GLU B 34 -7.30 15.72 -45.41
N GLY B 35 -7.31 15.34 -44.13
CA GLY B 35 -6.84 14.04 -43.71
C GLY B 35 -7.82 12.90 -43.85
N GLY B 36 -9.04 13.18 -44.32
CA GLY B 36 -10.04 12.15 -44.50
C GLY B 36 -10.51 11.52 -43.20
N TRP B 37 -11.05 12.34 -42.30
CA TRP B 37 -11.47 11.89 -40.99
C TRP B 37 -12.96 11.55 -40.97
N VAL B 38 -13.33 10.64 -40.08
CA VAL B 38 -14.71 10.31 -39.77
C VAL B 38 -14.86 10.31 -38.27
N LEU B 39 -15.91 10.97 -37.76
CA LEU B 39 -16.08 11.12 -36.32
C LEU B 39 -16.45 9.78 -35.69
N ASN B 40 -15.77 9.43 -34.61
CA ASN B 40 -16.10 8.26 -33.81
C ASN B 40 -17.23 8.62 -32.86
N LYS B 41 -18.47 8.29 -33.24
CA LYS B 41 -19.62 8.66 -32.45
C LYS B 41 -19.81 7.79 -31.20
N LYS B 42 -19.11 6.67 -31.11
CA LYS B 42 -19.14 5.87 -29.89
C LYS B 42 -18.38 6.57 -28.77
N ALA B 43 -17.18 7.03 -29.07
CA ALA B 43 -16.28 7.52 -28.04
C ALA B 43 -16.40 9.02 -27.79
N SER B 44 -16.82 9.80 -28.77
CA SER B 44 -16.88 11.25 -28.60
C SER B 44 -17.96 11.64 -27.60
N ASP B 45 -17.70 12.70 -26.82
CA ASP B 45 -18.65 13.09 -25.78
C ASP B 45 -18.69 14.61 -25.70
N GLU B 46 -19.86 15.18 -25.94
CA GLU B 46 -20.06 16.61 -25.78
C GLU B 46 -20.43 16.99 -24.35
N PHE B 47 -20.62 16.00 -23.47
CA PHE B 47 -20.85 16.24 -22.05
C PHE B 47 -22.05 17.14 -21.81
N LYS B 48 -23.12 16.92 -22.59
CA LYS B 48 -24.38 17.59 -22.32
C LYS B 48 -25.13 16.85 -21.21
N GLY B 49 -26.17 17.50 -20.69
CA GLY B 49 -27.02 16.85 -19.72
C GLY B 49 -26.55 17.01 -18.28
N LYS B 50 -26.97 16.07 -17.45
CA LYS B 50 -26.78 16.15 -16.02
C LYS B 50 -26.05 14.95 -15.41
N LYS B 51 -25.76 13.92 -16.20
CA LYS B 51 -25.23 12.68 -15.65
C LYS B 51 -24.15 12.13 -16.56
N LEU B 52 -23.24 11.35 -15.97
CA LEU B 52 -22.19 10.70 -16.72
C LEU B 52 -22.77 9.60 -17.60
N ASN B 53 -22.25 9.48 -18.82
CA ASN B 53 -22.57 8.34 -19.67
C ASN B 53 -21.67 7.19 -19.21
N GLU B 54 -22.18 6.40 -18.25
CA GLU B 54 -21.39 5.32 -17.66
C GLU B 54 -21.33 4.09 -18.54
N GLU B 55 -21.94 4.12 -19.72
CA GLU B 55 -21.64 3.12 -20.74
C GLU B 55 -20.38 3.50 -21.51
N ARG B 56 -20.07 4.79 -21.59
CA ARG B 56 -18.89 5.24 -22.31
C ARG B 56 -17.67 5.37 -21.41
N TRP B 57 -17.87 5.74 -20.14
CA TRP B 57 -16.78 6.06 -19.22
C TRP B 57 -16.90 5.25 -17.94
N PHE B 58 -15.75 4.84 -17.41
CA PHE B 58 -15.70 4.45 -16.01
C PHE B 58 -15.72 5.70 -15.13
N PRO B 59 -16.43 5.68 -14.01
CA PRO B 59 -16.57 6.89 -13.18
C PRO B 59 -15.33 7.25 -12.37
N ASN B 60 -14.34 6.36 -12.31
CA ASN B 60 -13.07 6.65 -11.66
C ASN B 60 -12.01 5.81 -12.37
N ASN B 61 -10.87 5.60 -11.72
CA ASN B 61 -9.82 4.76 -12.29
C ASN B 61 -9.80 3.42 -11.56
N PRO B 62 -10.33 2.35 -12.17
CA PRO B 62 -10.34 1.05 -11.47
C PRO B 62 -8.96 0.48 -11.19
N LYS B 63 -7.91 1.00 -11.82
CA LYS B 63 -6.58 0.40 -11.74
C LYS B 63 -5.56 1.28 -11.03
N TRP B 64 -5.95 2.45 -10.54
CA TRP B 64 -5.01 3.38 -9.90
C TRP B 64 -5.78 4.20 -8.87
N LYS B 65 -5.43 4.06 -7.60
CA LYS B 65 -6.13 4.80 -6.56
C LYS B 65 -5.79 6.28 -6.57
N GLY B 66 -4.60 6.63 -7.07
CA GLY B 66 -4.16 8.00 -7.11
C GLY B 66 -2.77 8.17 -6.52
N ARG B 67 -2.06 9.23 -6.90
CA ARG B 67 -0.77 9.52 -6.30
C ARG B 67 -1.00 10.29 -5.00
N GLN B 68 -0.53 9.73 -3.90
CA GLN B 68 -0.67 10.39 -2.61
C GLN B 68 -0.19 11.84 -2.72
N PRO B 69 -0.88 12.79 -2.07
CA PRO B 69 -2.01 12.61 -1.16
C PRO B 69 -3.39 12.76 -1.79
N THR B 70 -3.57 12.64 -3.10
CA THR B 70 -4.86 12.86 -3.75
C THR B 70 -5.43 11.54 -4.23
N PHE B 71 -6.67 11.26 -3.81
CA PHE B 71 -7.35 9.99 -4.03
C PHE B 71 -8.53 10.20 -4.98
N PHE B 72 -8.61 9.39 -6.03
CA PHE B 72 -9.67 9.58 -7.02
C PHE B 72 -11.01 9.12 -6.46
N ALA B 73 -12.05 9.92 -6.68
CA ALA B 73 -13.39 9.59 -6.19
C ALA B 73 -14.43 9.97 -7.23
N LYS B 74 -15.54 9.22 -7.25
CA LYS B 74 -16.57 9.41 -8.27
C LYS B 74 -17.36 10.68 -8.04
N GLU B 75 -17.57 11.07 -6.79
N GLU B 75 -17.58 11.07 -6.79
CA GLU B 75 -18.40 12.23 -6.50
CA GLU B 75 -18.41 12.23 -6.50
C GLU B 75 -17.77 13.54 -6.95
C GLU B 75 -17.78 13.54 -6.97
N ASN B 76 -16.47 13.56 -7.23
CA ASN B 76 -15.80 14.79 -7.62
C ASN B 76 -16.08 15.22 -9.06
N THR B 77 -16.81 14.41 -9.82
CA THR B 77 -17.08 14.66 -11.22
C THR B 77 -18.58 14.86 -11.42
N THR B 78 -18.97 16.04 -11.89
CA THR B 78 -20.37 16.35 -12.18
C THR B 78 -20.47 16.87 -13.60
N PHE B 79 -21.68 17.26 -14.01
CA PHE B 79 -21.91 17.71 -15.38
C PHE B 79 -22.83 18.91 -15.34
N GLU B 80 -22.32 20.06 -15.76
CA GLU B 80 -23.01 21.34 -15.62
C GLU B 80 -22.72 22.22 -16.82
N ASP B 81 -23.77 22.84 -17.36
CA ASP B 81 -23.64 23.85 -18.41
C ASP B 81 -22.89 23.29 -19.62
N GLY B 82 -23.16 22.03 -19.95
CA GLY B 82 -22.53 21.40 -21.09
C GLY B 82 -21.07 21.05 -20.90
N CYS B 83 -20.61 20.97 -19.66
CA CYS B 83 -19.22 20.60 -19.38
C CYS B 83 -19.18 19.52 -18.32
N CYS B 84 -18.18 18.65 -18.43
CA CYS B 84 -17.77 17.82 -17.31
C CYS B 84 -16.94 18.68 -16.36
N VAL B 85 -17.32 18.67 -15.08
CA VAL B 85 -16.71 19.54 -14.07
C VAL B 85 -16.07 18.66 -13.01
N MET B 86 -14.77 18.87 -12.79
CA MET B 86 -14.02 18.13 -11.78
C MET B 86 -13.56 19.08 -10.69
N ARG B 87 -13.85 18.74 -9.45
CA ARG B 87 -13.50 19.56 -8.29
C ARG B 87 -12.61 18.74 -7.35
N THR B 88 -11.95 19.46 -6.45
CA THR B 88 -11.07 18.87 -5.44
C THR B 88 -11.64 19.14 -4.05
N TYR B 89 -11.70 18.10 -3.23
CA TYR B 89 -12.26 18.19 -1.88
C TYR B 89 -11.24 17.70 -0.86
N LYS B 90 -11.49 18.06 0.39
CA LYS B 90 -10.70 17.57 1.53
C LYS B 90 -11.66 16.90 2.51
N PRO B 91 -11.80 15.58 2.44
CA PRO B 91 -12.73 14.90 3.37
C PRO B 91 -12.28 15.03 4.81
N GLU B 92 -13.20 14.68 5.72
CA GLU B 92 -12.90 14.68 7.14
C GLU B 92 -11.70 13.78 7.40
N ALA B 93 -10.91 14.14 8.42
CA ALA B 93 -9.70 13.40 8.73
C ALA B 93 -10.01 11.94 9.00
N GLY B 94 -9.12 11.06 8.56
CA GLY B 94 -9.30 9.64 8.72
C GLY B 94 -10.27 9.00 7.74
N SER B 95 -10.87 9.78 6.84
CA SER B 95 -11.86 9.22 5.92
C SER B 95 -11.23 8.47 4.75
N LEU B 96 -10.02 8.84 4.35
CA LEU B 96 -9.38 8.22 3.20
C LEU B 96 -8.33 7.21 3.65
N PRO B 97 -7.90 6.32 2.75
CA PRO B 97 -6.83 5.38 3.11
C PRO B 97 -5.58 6.13 3.54
N GLU B 98 -4.70 5.40 4.24
CA GLU B 98 -3.52 6.01 4.82
C GLU B 98 -2.70 6.73 3.75
N GLY B 99 -2.25 7.95 4.06
CA GLY B 99 -1.45 8.73 3.15
C GLY B 99 -2.22 9.66 2.23
N TYR B 100 -3.54 9.55 2.17
CA TYR B 100 -4.36 10.39 1.32
C TYR B 100 -5.13 11.40 2.16
N THR B 101 -5.24 12.63 1.66
CA THR B 101 -5.94 13.70 2.35
C THR B 101 -6.96 14.44 1.50
N HIS B 102 -6.84 14.41 0.17
CA HIS B 102 -7.76 15.12 -0.71
C HIS B 102 -8.25 14.16 -1.80
N THR B 103 -9.32 14.59 -2.49
CA THR B 103 -9.92 13.80 -3.55
C THR B 103 -9.97 14.62 -4.85
N ALA B 104 -9.97 13.90 -5.97
CA ALA B 104 -10.06 14.52 -7.29
C ALA B 104 -10.83 13.57 -8.20
N GLY B 105 -11.23 14.09 -9.37
CA GLY B 105 -11.99 13.30 -10.32
C GLY B 105 -11.11 12.55 -11.32
N PHE B 106 -11.68 11.50 -11.91
CA PHE B 106 -10.98 10.70 -12.91
C PHE B 106 -12.01 9.93 -13.73
N LEU B 107 -11.91 10.05 -15.06
CA LEU B 107 -12.72 9.28 -16.00
C LEU B 107 -11.79 8.53 -16.95
N VAL B 108 -12.11 7.26 -17.20
CA VAL B 108 -11.36 6.38 -18.09
C VAL B 108 -12.31 5.83 -19.14
N SER B 109 -11.90 5.89 -20.41
CA SER B 109 -12.76 5.40 -21.48
C SER B 109 -12.88 3.88 -21.44
N LYS B 110 -14.09 3.39 -21.68
CA LYS B 110 -14.26 1.95 -21.83
C LYS B 110 -13.77 1.44 -23.16
N GLU B 111 -13.66 2.31 -24.16
CA GLU B 111 -13.15 1.95 -25.48
C GLU B 111 -11.63 2.05 -25.52
N LEU B 112 -11.02 1.19 -26.32
CA LEU B 112 -9.59 1.24 -26.60
C LEU B 112 -9.37 1.79 -28.01
N PHE B 113 -8.29 2.56 -28.18
CA PHE B 113 -7.99 3.23 -29.44
C PHE B 113 -6.57 2.93 -29.86
N LEU B 114 -6.37 2.80 -31.17
CA LEU B 114 -5.04 2.67 -31.77
C LEU B 114 -4.99 3.53 -33.03
N TYR B 115 -4.32 4.69 -32.93
CA TYR B 115 -4.21 5.67 -34.01
C TYR B 115 -5.52 6.43 -34.21
N GLY B 116 -5.43 7.61 -34.79
CA GLY B 116 -6.57 8.47 -35.06
C GLY B 116 -6.28 9.88 -34.62
N TYR B 117 -7.32 10.70 -34.56
CA TYR B 117 -7.22 12.06 -34.04
C TYR B 117 -8.01 12.17 -32.75
N PHE B 118 -7.40 12.78 -31.74
CA PHE B 118 -7.98 12.89 -30.41
C PHE B 118 -7.91 14.33 -29.95
N GLU B 119 -9.05 14.89 -29.56
CA GLU B 119 -9.13 16.32 -29.28
C GLU B 119 -9.96 16.56 -28.02
N ALA B 120 -9.55 17.55 -27.24
CA ALA B 120 -10.29 17.90 -26.02
C ALA B 120 -10.23 19.40 -25.81
N ARG B 121 -11.35 19.98 -25.39
CA ARG B 121 -11.44 21.40 -25.07
C ARG B 121 -11.50 21.52 -23.55
N LEU B 122 -10.50 22.19 -22.97
CA LEU B 122 -10.28 22.16 -21.53
C LEU B 122 -10.10 23.56 -20.97
N ARG B 123 -10.75 23.81 -19.83
CA ARG B 123 -10.51 25.00 -19.01
C ARG B 123 -9.82 24.55 -17.72
N PRO B 124 -8.53 24.80 -17.57
CA PRO B 124 -7.80 24.26 -16.41
C PRO B 124 -8.34 24.79 -15.09
N ASN B 125 -8.15 24.00 -14.04
CA ASN B 125 -8.45 24.43 -12.69
C ASN B 125 -7.35 25.36 -12.20
N ASP B 126 -7.75 26.46 -11.57
CA ASP B 126 -6.80 27.41 -11.01
C ASP B 126 -6.44 27.01 -9.56
N SER B 127 -5.93 25.79 -9.44
CA SER B 127 -5.56 25.24 -8.13
C SER B 127 -4.37 24.32 -8.32
N PRO B 128 -3.61 24.06 -7.26
CA PRO B 128 -2.37 23.29 -7.41
C PRO B 128 -2.58 21.79 -7.61
N TRP B 129 -3.40 21.43 -8.59
CA TRP B 129 -3.59 20.05 -9.02
C TRP B 129 -3.31 19.97 -10.51
N VAL B 130 -2.46 19.01 -10.89
CA VAL B 130 -2.26 18.74 -12.32
C VAL B 130 -3.60 18.38 -12.95
N PHE B 131 -3.88 18.98 -14.10
CA PHE B 131 -5.03 18.57 -14.91
C PHE B 131 -4.51 17.82 -16.13
N GLY B 132 -5.23 16.75 -16.48
CA GLY B 132 -4.71 15.82 -17.45
C GLY B 132 -5.75 15.31 -18.42
N PHE B 133 -5.36 15.31 -19.69
CA PHE B 133 -6.06 14.63 -20.77
C PHE B 133 -4.99 13.82 -21.50
N TRP B 134 -5.02 12.50 -21.32
CA TRP B 134 -3.90 11.69 -21.77
C TRP B 134 -4.39 10.29 -22.13
N MET B 135 -3.46 9.44 -22.58
CA MET B 135 -3.84 8.09 -23.00
C MET B 135 -2.82 7.08 -22.50
N SER B 136 -3.31 5.92 -22.08
CA SER B 136 -2.40 4.96 -21.47
C SER B 136 -2.96 3.55 -21.56
N ASN B 137 -2.05 2.57 -21.47
CA ASN B 137 -2.45 1.18 -21.32
C ASN B 137 -1.29 0.42 -20.69
N ASN B 138 -1.61 -0.32 -19.63
CA ASN B 138 -0.69 -1.24 -18.97
C ASN B 138 -1.35 -2.62 -19.04
N GLU B 139 -0.88 -3.45 -19.98
CA GLU B 139 -1.55 -4.70 -20.31
C GLU B 139 -0.51 -5.72 -20.77
N ARG B 140 -0.49 -6.88 -20.13
CA ARG B 140 0.36 -8.00 -20.53
C ARG B 140 1.83 -7.58 -20.68
N ASN B 141 2.37 -6.96 -19.64
CA ASN B 141 3.77 -6.56 -19.63
C ASN B 141 4.12 -5.58 -20.75
N TRP B 142 3.12 -4.91 -21.31
CA TRP B 142 3.34 -3.79 -22.22
C TRP B 142 2.62 -2.58 -21.65
N TRP B 143 3.39 -1.54 -21.32
CA TRP B 143 2.84 -0.38 -20.63
C TRP B 143 3.41 0.87 -21.30
N THR B 144 2.52 1.63 -21.96
CA THR B 144 2.87 2.85 -22.65
C THR B 144 1.84 3.94 -22.37
N LEU B 145 2.23 5.17 -22.70
CA LEU B 145 1.46 6.34 -22.30
C LEU B 145 1.82 7.53 -23.20
N ILE B 146 0.80 8.26 -23.65
CA ILE B 146 0.96 9.51 -24.39
C ILE B 146 0.38 10.64 -23.55
N ASP B 147 1.25 11.54 -23.09
CA ASP B 147 0.86 12.65 -22.22
C ASP B 147 0.49 13.86 -23.08
N ILE B 148 -0.70 13.80 -23.68
CA ILE B 148 -1.19 14.91 -24.49
C ILE B 148 -1.21 16.19 -23.68
N CYS B 149 -1.82 16.13 -22.49
CA CYS B 149 -1.98 17.31 -21.64
C CYS B 149 -1.77 16.88 -20.20
N GLU B 150 -0.67 17.34 -19.62
CA GLU B 150 -0.38 17.13 -18.19
C GLU B 150 0.23 18.45 -17.71
N ASN B 151 -0.61 19.31 -17.13
CA ASN B 151 -0.12 20.64 -16.80
C ASN B 151 -0.72 21.10 -15.47
N CYS B 152 -0.01 22.01 -14.80
CA CYS B 152 -0.48 22.60 -13.55
C CYS B 152 -0.24 24.10 -13.55
N PRO B 153 -1.00 24.85 -14.37
CA PRO B 153 -0.95 26.31 -14.28
C PRO B 153 -1.53 26.85 -12.98
N GLY B 154 -2.27 26.03 -12.23
CA GLY B 154 -2.74 26.42 -10.92
C GLY B 154 -1.63 26.76 -9.95
N ASN B 155 -0.43 26.25 -10.19
CA ASN B 155 0.77 26.76 -9.53
C ASN B 155 1.23 27.97 -10.32
N PRO B 156 1.09 29.19 -9.79
CA PRO B 156 1.37 30.39 -10.59
C PRO B 156 2.72 30.37 -11.30
N ALA B 157 3.67 29.58 -10.79
CA ALA B 157 4.98 29.51 -11.42
C ALA B 157 4.96 28.79 -12.76
N ASN B 158 3.86 28.11 -13.10
CA ASN B 158 3.75 27.32 -14.31
C ASN B 158 2.79 27.93 -15.34
N ARG B 159 2.39 29.19 -15.16
CA ARG B 159 1.30 29.73 -15.96
C ARG B 159 1.60 29.74 -17.45
N HIS B 160 2.87 29.90 -17.83
CA HIS B 160 3.24 30.01 -19.24
C HIS B 160 3.95 28.78 -19.78
N ASP B 161 3.75 27.62 -19.14
CA ASP B 161 4.34 26.37 -19.60
C ASP B 161 3.30 25.53 -20.34
N LEU B 162 3.72 24.92 -21.44
CA LEU B 162 2.96 23.88 -22.10
C LEU B 162 3.86 22.65 -22.16
N ASN B 163 3.51 21.62 -21.40
CA ASN B 163 4.33 20.43 -21.31
C ASN B 163 3.88 19.36 -22.30
N SER B 164 4.79 18.44 -22.62
CA SER B 164 4.47 17.28 -23.44
C SER B 164 5.41 16.15 -23.07
N ASN B 165 4.91 14.92 -23.21
CA ASN B 165 5.74 13.79 -22.85
C ASN B 165 5.11 12.52 -23.41
N VAL B 166 5.95 11.52 -23.66
CA VAL B 166 5.51 10.19 -24.06
C VAL B 166 6.37 9.17 -23.32
N HIS B 167 5.73 8.11 -22.84
CA HIS B 167 6.37 7.16 -21.95
C HIS B 167 6.30 5.74 -22.51
N VAL B 168 7.33 4.95 -22.23
CA VAL B 168 7.31 3.50 -22.41
C VAL B 168 7.73 2.91 -21.07
N PHE B 169 6.75 2.50 -20.26
CA PHE B 169 7.09 1.90 -18.98
C PHE B 169 7.65 0.50 -19.14
N LYS B 170 7.12 -0.26 -20.10
CA LYS B 170 7.70 -1.58 -20.36
C LYS B 170 7.22 -2.07 -21.72
N ALA B 171 8.07 -2.86 -22.38
CA ALA B 171 7.77 -3.38 -23.71
C ALA B 171 8.47 -4.71 -23.96
N PRO B 172 7.76 -5.71 -24.48
CA PRO B 172 8.40 -7.01 -24.76
C PRO B 172 9.53 -6.87 -25.76
N ALA B 173 10.25 -7.98 -25.96
CA ALA B 173 11.46 -7.97 -26.77
C ALA B 173 11.19 -7.56 -28.22
N ASP B 174 10.00 -7.88 -28.75
CA ASP B 174 9.68 -7.60 -30.14
C ASP B 174 8.96 -6.27 -30.32
N LYS B 175 8.77 -5.50 -29.26
CA LYS B 175 8.03 -4.23 -29.35
C LYS B 175 8.83 -3.07 -28.80
N GLY B 176 10.15 -3.20 -28.72
CA GLY B 176 10.98 -2.13 -28.22
C GLY B 176 12.04 -2.64 -27.25
N ASP B 177 11.75 -3.76 -26.60
CA ASP B 177 12.66 -4.38 -25.64
C ASP B 177 13.10 -3.34 -24.59
N ILE B 178 12.10 -2.82 -23.87
CA ILE B 178 12.30 -1.80 -22.87
C ILE B 178 12.13 -2.45 -21.49
N LYS B 179 13.22 -2.45 -20.71
CA LYS B 179 13.17 -3.02 -19.37
C LYS B 179 13.14 -1.97 -18.28
N LYS B 180 13.54 -0.73 -18.56
CA LYS B 180 13.46 0.37 -17.62
C LYS B 180 12.66 1.51 -18.22
N HIS B 181 11.84 2.13 -17.38
CA HIS B 181 10.97 3.22 -17.80
C HIS B 181 11.76 4.31 -18.53
N ILE B 182 11.26 4.70 -19.70
CA ILE B 182 11.85 5.78 -20.50
C ILE B 182 10.75 6.76 -20.87
N ASN B 183 11.14 8.03 -21.02
CA ASN B 183 10.20 9.07 -21.43
C ASN B 183 10.98 10.21 -22.07
N PHE B 184 10.26 11.07 -22.79
CA PHE B 184 10.86 12.11 -23.62
C PHE B 184 10.09 13.41 -23.43
N PRO B 185 10.33 14.10 -22.33
CA PRO B 185 9.59 15.34 -22.04
C PRO B 185 10.12 16.52 -22.85
N ALA B 186 9.22 17.48 -23.08
CA ALA B 186 9.58 18.74 -23.74
C ALA B 186 8.56 19.79 -23.35
N LYS B 187 9.06 20.96 -22.95
CA LYS B 187 8.23 22.07 -22.52
C LYS B 187 8.35 23.22 -23.53
N TYR B 188 7.28 24.00 -23.69
CA TYR B 188 7.24 25.11 -24.63
C TYR B 188 6.62 26.33 -23.97
N TYR B 189 6.98 27.51 -24.45
CA TYR B 189 6.46 28.75 -23.89
C TYR B 189 5.22 29.20 -24.65
N ILE B 190 4.17 29.52 -23.91
CA ILE B 190 2.93 30.05 -24.50
C ILE B 190 2.71 31.47 -23.99
N PRO B 191 2.29 32.41 -24.84
CA PRO B 191 2.21 33.82 -24.43
C PRO B 191 1.05 34.15 -23.52
N PHE B 192 0.11 33.24 -23.30
CA PHE B 192 -1.03 33.48 -22.44
C PHE B 192 -0.93 32.62 -21.18
N GLU B 193 -1.57 33.08 -20.11
CA GLU B 193 -1.67 32.28 -18.90
C GLU B 193 -2.66 31.14 -19.15
N LEU B 194 -2.19 29.91 -18.95
CA LEU B 194 -2.92 28.74 -19.42
C LEU B 194 -4.27 28.59 -18.73
N GLN B 195 -4.37 28.95 -17.46
CA GLN B 195 -5.58 28.67 -16.68
C GLN B 195 -6.72 29.64 -16.96
N LYS B 196 -6.54 30.61 -17.85
CA LYS B 196 -7.52 31.69 -17.95
C LYS B 196 -8.74 31.31 -18.80
N ASP B 197 -8.54 30.55 -19.88
CA ASP B 197 -9.60 30.29 -20.83
C ASP B 197 -9.57 28.84 -21.29
N PHE B 198 -10.59 28.46 -22.04
CA PHE B 198 -10.59 27.16 -22.70
C PHE B 198 -9.53 27.13 -23.79
N HIS B 199 -8.90 25.96 -23.96
CA HIS B 199 -7.96 25.71 -25.04
C HIS B 199 -8.16 24.29 -25.53
N VAL B 200 -7.78 24.04 -26.79
CA VAL B 200 -8.06 22.78 -27.46
C VAL B 200 -6.74 22.04 -27.68
N TRP B 201 -6.64 20.85 -27.07
CA TRP B 201 -5.49 19.97 -27.24
C TRP B 201 -5.81 18.93 -28.30
N GLY B 202 -4.89 18.75 -29.24
CA GLY B 202 -5.10 17.82 -30.33
C GLY B 202 -3.91 16.88 -30.49
N LEU B 203 -4.22 15.65 -30.90
CA LEU B 203 -3.25 14.59 -31.12
C LEU B 203 -3.58 13.88 -32.42
N ASP B 204 -2.65 13.89 -33.36
CA ASP B 204 -2.71 13.11 -34.58
C ASP B 204 -1.74 11.94 -34.40
N TRP B 205 -2.30 10.74 -34.21
CA TRP B 205 -1.54 9.55 -33.82
C TRP B 205 -1.55 8.58 -34.99
N SER B 206 -0.38 8.39 -35.60
CA SER B 206 -0.24 7.46 -36.72
C SER B 206 0.91 6.51 -36.44
N LYS B 207 1.01 5.48 -37.28
CA LYS B 207 2.12 4.53 -37.13
C LYS B 207 3.47 5.21 -37.28
N GLU B 208 3.53 6.31 -38.05
CA GLU B 208 4.79 6.98 -38.33
C GLU B 208 5.09 8.11 -37.34
N TYR B 209 4.08 8.89 -36.94
CA TYR B 209 4.34 10.07 -36.14
C TYR B 209 3.26 10.27 -35.08
N ILE B 210 3.66 10.94 -34.00
CA ILE B 210 2.75 11.53 -33.03
C ILE B 210 2.86 13.04 -33.19
N ARG B 211 1.74 13.69 -33.52
CA ARG B 211 1.71 15.13 -33.74
C ARG B 211 0.81 15.79 -32.70
N LEU B 212 1.36 16.78 -32.00
CA LEU B 212 0.69 17.45 -30.89
C LEU B 212 0.41 18.90 -31.27
N TYR B 213 -0.87 19.29 -31.12
CA TYR B 213 -1.41 20.58 -31.52
C TYR B 213 -2.04 21.27 -30.32
N ILE B 214 -1.94 22.60 -30.28
CA ILE B 214 -2.60 23.42 -29.26
C ILE B 214 -3.38 24.52 -29.96
N ASP B 215 -4.67 24.61 -29.66
CA ASP B 215 -5.57 25.56 -30.31
C ASP B 215 -5.41 25.48 -31.83
N GLY B 216 -5.20 24.26 -32.33
CA GLY B 216 -5.08 24.01 -33.75
C GLY B 216 -3.69 24.16 -34.34
N VAL B 217 -2.71 24.60 -33.55
CA VAL B 217 -1.36 24.90 -34.01
C VAL B 217 -0.45 23.72 -33.70
N LEU B 218 0.26 23.23 -34.71
CA LEU B 218 1.21 22.14 -34.51
C LEU B 218 2.39 22.63 -33.69
N TYR B 219 2.66 21.97 -32.56
CA TYR B 219 3.79 22.38 -31.75
C TYR B 219 4.78 21.26 -31.45
N ARG B 220 4.42 19.99 -31.65
CA ARG B 220 5.44 18.96 -31.50
C ARG B 220 5.19 17.81 -32.47
N GLU B 221 6.28 17.25 -33.01
N GLU B 221 6.28 17.23 -32.99
CA GLU B 221 6.24 16.06 -33.83
CA GLU B 221 6.21 16.05 -33.85
C GLU B 221 7.25 15.06 -33.27
C GLU B 221 7.25 15.04 -33.38
N ILE B 222 6.81 13.83 -33.05
CA ILE B 222 7.63 12.78 -32.48
C ILE B 222 7.62 11.58 -33.42
N GLU B 223 8.79 11.02 -33.67
CA GLU B 223 8.88 9.77 -34.44
C GLU B 223 8.31 8.64 -33.60
N ASN B 224 7.28 7.99 -34.11
CA ASN B 224 6.54 7.00 -33.33
C ASN B 224 7.29 5.67 -33.39
N LYS B 225 8.26 5.50 -32.49
CA LYS B 225 9.05 4.28 -32.46
C LYS B 225 8.48 3.21 -31.53
N TYR B 226 7.70 3.58 -30.53
CA TYR B 226 7.24 2.64 -29.51
C TYR B 226 5.74 2.62 -29.28
N TRP B 227 5.00 3.65 -29.69
CA TRP B 227 3.60 3.80 -29.26
C TRP B 227 2.70 3.19 -30.33
N HIS B 228 2.67 1.86 -30.34
CA HIS B 228 1.81 1.10 -31.24
C HIS B 228 0.87 0.18 -30.48
N GLN B 229 0.62 0.48 -29.20
CA GLN B 229 -0.25 -0.25 -28.27
C GLN B 229 -1.59 0.46 -28.15
N PRO B 230 -2.70 -0.27 -28.19
CA PRO B 230 -4.00 0.37 -27.95
C PRO B 230 -4.04 1.02 -26.58
N LEU B 231 -4.65 2.21 -26.51
CA LEU B 231 -4.66 3.02 -25.30
C LEU B 231 -6.07 3.45 -24.94
N ARG B 232 -6.27 3.74 -23.66
CA ARG B 232 -7.51 4.32 -23.17
C ARG B 232 -7.31 5.81 -22.91
N ILE B 233 -8.40 6.57 -23.01
CA ILE B 233 -8.41 8.01 -22.76
C ILE B 233 -8.71 8.25 -21.28
N ASN B 234 -7.92 9.12 -20.66
CA ASN B 234 -8.02 9.47 -19.25
C ASN B 234 -8.20 10.99 -19.13
N LEU B 235 -9.13 11.40 -18.28
CA LEU B 235 -9.36 12.79 -17.90
C LEU B 235 -9.32 12.88 -16.38
N ASN B 236 -8.50 13.77 -15.83
CA ASN B 236 -8.39 13.72 -14.37
C ASN B 236 -7.69 14.95 -13.80
N ASN B 237 -7.77 15.07 -12.48
CA ASN B 237 -6.89 15.89 -11.66
C ASN B 237 -6.01 14.96 -10.79
N GLU B 238 -4.80 15.40 -10.49
CA GLU B 238 -3.95 14.58 -9.65
C GLU B 238 -2.86 15.44 -9.00
N SER B 239 -2.24 14.89 -7.97
CA SER B 239 -1.11 15.54 -7.31
C SER B 239 0.20 15.04 -7.90
N ASN B 240 1.20 15.92 -7.93
CA ASN B 240 2.53 15.57 -8.43
C ASN B 240 3.50 16.63 -7.92
N LYS B 241 4.47 16.22 -7.10
CA LYS B 241 5.40 17.20 -6.52
C LYS B 241 6.23 17.88 -7.58
N TRP B 242 6.46 17.21 -8.72
CA TRP B 242 7.33 17.78 -9.76
C TRP B 242 6.78 19.09 -10.30
N PHE B 243 5.45 19.22 -10.40
CA PHE B 243 4.80 20.43 -10.86
C PHE B 243 4.50 21.41 -9.74
N GLY B 244 4.96 21.13 -8.53
CA GLY B 244 4.46 21.89 -7.39
C GLY B 244 2.99 21.69 -7.18
N ALA B 245 2.43 20.58 -7.64
CA ALA B 245 0.99 20.34 -7.53
C ALA B 245 0.70 19.53 -6.27
N LEU B 246 0.81 20.20 -5.13
CA LEU B 246 0.43 19.64 -3.86
C LEU B 246 -0.74 20.41 -3.27
N PRO B 247 -1.60 19.76 -2.47
CA PRO B 247 -2.84 20.41 -2.04
C PRO B 247 -2.59 21.71 -1.29
N ASP B 248 -3.51 22.66 -1.48
CA ASP B 248 -3.53 23.92 -0.74
C ASP B 248 -4.96 24.14 -0.26
N ASP B 249 -5.18 24.05 1.05
CA ASP B 249 -6.54 24.13 1.58
C ASP B 249 -7.17 25.49 1.33
N ASN B 250 -6.37 26.53 1.10
CA ASN B 250 -6.87 27.86 0.83
C ASN B 250 -6.97 28.15 -0.66
N ASN B 251 -6.72 27.16 -1.51
CA ASN B 251 -6.84 27.33 -2.96
C ASN B 251 -7.21 25.98 -3.59
N MET B 252 -8.37 25.45 -3.19
CA MET B 252 -8.84 24.16 -3.70
C MET B 252 -10.31 24.23 -4.12
N ASP B 253 -10.82 25.42 -4.42
CA ASP B 253 -12.23 25.62 -4.76
C ASP B 253 -12.44 25.86 -6.25
N SER B 254 -11.45 25.58 -7.09
CA SER B 254 -11.55 25.84 -8.52
C SER B 254 -12.19 24.63 -9.22
N GLU B 255 -12.34 24.73 -10.55
CA GLU B 255 -13.00 23.72 -11.35
C GLU B 255 -12.20 23.42 -12.60
N TYR B 256 -11.98 22.13 -12.87
CA TYR B 256 -11.42 21.66 -14.12
C TYR B 256 -12.57 21.35 -15.07
N LEU B 257 -12.64 22.06 -16.19
CA LEU B 257 -13.77 21.96 -17.10
C LEU B 257 -13.38 21.25 -18.39
N ILE B 258 -14.18 20.26 -18.80
CA ILE B 258 -13.99 19.58 -20.07
C ILE B 258 -15.24 19.83 -20.90
N ASP B 259 -15.11 20.64 -21.95
CA ASP B 259 -16.25 20.95 -22.80
C ASP B 259 -16.63 19.75 -23.67
N TYR B 260 -15.64 19.08 -24.26
CA TYR B 260 -15.89 17.91 -25.08
C TYR B 260 -14.61 17.09 -25.22
N VAL B 261 -14.80 15.84 -25.60
CA VAL B 261 -13.75 14.96 -26.10
C VAL B 261 -14.24 14.38 -27.41
N ARG B 262 -13.45 14.55 -28.47
CA ARG B 262 -13.81 14.10 -29.80
C ARG B 262 -12.73 13.16 -30.35
N VAL B 263 -13.17 12.09 -31.01
CA VAL B 263 -12.29 11.09 -31.58
C VAL B 263 -12.66 10.91 -33.04
N TRP B 264 -11.65 10.83 -33.90
CA TRP B 264 -11.81 10.58 -35.32
C TRP B 264 -10.96 9.38 -35.73
N TYR B 265 -11.42 8.67 -36.76
CA TYR B 265 -10.65 7.62 -37.42
C TYR B 265 -10.54 7.93 -38.90
N LYS B 266 -9.67 7.18 -39.58
CA LYS B 266 -9.39 7.42 -40.98
C LYS B 266 -10.39 6.68 -41.87
N LYS B 267 -10.62 7.24 -43.06
CA LYS B 267 -11.54 6.67 -44.04
C LYS B 267 -12.99 6.97 -43.66
N HIS C 8 20.72 -22.64 -5.96
CA HIS C 8 21.76 -23.66 -6.00
C HIS C 8 22.53 -23.71 -4.68
N HIS C 9 22.38 -24.82 -3.96
CA HIS C 9 23.24 -25.11 -2.81
C HIS C 9 24.48 -25.83 -3.33
N HIS C 10 25.62 -25.13 -3.31
CA HIS C 10 26.87 -25.77 -3.74
C HIS C 10 27.21 -26.96 -2.86
N GLY C 11 26.83 -26.90 -1.59
CA GLY C 11 27.08 -27.99 -0.66
C GLY C 11 26.48 -27.67 0.68
N SER C 12 26.64 -28.61 1.60
CA SER C 12 26.20 -28.43 2.98
C SER C 12 27.40 -28.11 3.88
N ILE C 13 27.13 -27.44 4.98
CA ILE C 13 28.16 -27.04 5.95
C ILE C 13 27.99 -27.91 7.19
N ASP C 14 29.04 -28.64 7.56
CA ASP C 14 29.02 -29.50 8.73
C ASP C 14 29.59 -28.74 9.92
N PHE C 15 28.88 -28.81 11.05
CA PHE C 15 29.27 -28.10 12.26
C PHE C 15 29.74 -29.04 13.37
N SER C 16 29.95 -30.33 13.04
CA SER C 16 30.37 -31.28 14.06
C SER C 16 31.74 -30.93 14.65
N ASN C 17 32.62 -30.35 13.84
CA ASN C 17 33.96 -29.97 14.29
C ASN C 17 34.10 -28.45 14.46
N ALA C 18 32.99 -27.77 14.73
CA ALA C 18 33.04 -26.33 14.92
C ALA C 18 33.90 -25.98 16.13
N PRO C 19 34.73 -24.95 16.06
CA PRO C 19 35.55 -24.58 17.20
C PRO C 19 34.71 -24.16 18.40
N LYS C 20 35.19 -24.51 19.59
CA LYS C 20 34.52 -24.08 20.82
C LYS C 20 35.00 -22.70 21.22
N ARG C 21 34.11 -21.94 21.86
CA ARG C 21 34.44 -20.59 22.32
C ARG C 21 35.35 -20.67 23.54
N LEU C 22 36.59 -20.21 23.40
CA LEU C 22 37.54 -20.20 24.49
C LEU C 22 37.81 -18.80 25.04
N ASN C 23 37.79 -17.77 24.20
CA ASN C 23 38.09 -16.42 24.63
C ASN C 23 37.40 -15.43 23.70
N ASN C 24 37.32 -14.18 24.16
CA ASN C 24 36.76 -13.09 23.36
C ASN C 24 37.82 -12.12 22.86
N LYS C 25 39.08 -12.59 22.75
CA LYS C 25 40.18 -11.74 22.33
C LYS C 25 40.69 -12.04 20.93
N TYR C 26 40.37 -13.19 20.37
CA TYR C 26 40.83 -13.61 19.06
C TYR C 26 39.68 -14.20 18.27
N PRO C 27 39.84 -14.38 16.96
CA PRO C 27 38.74 -14.89 16.14
C PRO C 27 38.29 -16.27 16.60
N LEU C 28 37.01 -16.55 16.40
CA LEU C 28 36.47 -17.85 16.78
C LEU C 28 37.12 -18.98 15.98
N SER C 29 37.52 -18.72 14.75
CA SER C 29 38.16 -19.73 13.91
C SER C 29 39.64 -19.91 14.23
N ASP C 30 40.19 -19.14 15.16
CA ASP C 30 41.60 -19.21 15.51
C ASP C 30 41.77 -18.76 16.97
N GLN C 31 41.11 -19.48 17.88
CA GLN C 31 41.11 -19.07 19.28
C GLN C 31 42.50 -19.16 19.91
N LYS C 32 43.40 -19.92 19.31
CA LYS C 32 44.78 -20.03 19.78
C LYS C 32 45.70 -19.00 19.15
N ASN C 33 45.18 -18.14 18.26
CA ASN C 33 45.98 -17.10 17.63
C ASN C 33 47.14 -17.69 16.84
N GLU C 34 46.81 -18.62 15.95
CA GLU C 34 47.83 -19.20 15.07
C GLU C 34 48.29 -18.21 14.01
N GLY C 35 47.43 -17.27 13.62
CA GLY C 35 47.75 -16.29 12.62
C GLY C 35 48.50 -15.07 13.09
N GLY C 36 48.77 -14.95 14.38
CA GLY C 36 49.47 -13.79 14.88
C GLY C 36 48.65 -12.53 14.71
N TRP C 37 47.48 -12.50 15.32
CA TRP C 37 46.55 -11.38 15.17
C TRP C 37 46.72 -10.37 16.29
N VAL C 38 46.39 -9.12 15.99
CA VAL C 38 46.34 -8.04 16.98
C VAL C 38 45.01 -7.33 16.81
N LEU C 39 44.31 -7.10 17.92
CA LEU C 39 42.97 -6.53 17.87
C LEU C 39 43.02 -5.05 17.51
N ASN C 40 42.15 -4.64 16.59
CA ASN C 40 41.97 -3.22 16.25
C ASN C 40 41.03 -2.61 17.27
N LYS C 41 41.58 -1.91 18.26
CA LYS C 41 40.78 -1.33 19.32
C LYS C 41 40.05 -0.07 18.88
N LYS C 42 40.43 0.53 17.75
CA LYS C 42 39.68 1.66 17.22
C LYS C 42 38.34 1.20 16.64
N ALA C 43 38.35 0.15 15.84
CA ALA C 43 37.17 -0.25 15.07
C ALA C 43 36.30 -1.27 15.78
N SER C 44 36.87 -2.11 16.65
CA SER C 44 36.07 -3.13 17.32
C SER C 44 35.08 -2.50 18.28
N ASP C 45 33.90 -3.11 18.40
CA ASP C 45 32.82 -2.57 19.20
C ASP C 45 32.07 -3.72 19.87
N GLU C 46 32.04 -3.72 21.20
CA GLU C 46 31.25 -4.67 21.96
C GLU C 46 29.81 -4.20 22.18
N PHE C 47 29.48 -2.99 21.74
CA PHE C 47 28.11 -2.47 21.80
C PHE C 47 27.57 -2.48 23.23
N LYS C 48 28.40 -2.06 24.18
CA LYS C 48 27.93 -1.84 25.53
C LYS C 48 27.29 -0.46 25.64
N GLY C 49 26.58 -0.24 26.74
CA GLY C 49 25.99 1.05 27.01
C GLY C 49 24.61 1.21 26.38
N LYS C 50 24.25 2.48 26.16
CA LYS C 50 22.92 2.81 25.68
C LYS C 50 22.91 3.69 24.44
N LYS C 51 24.07 4.13 23.95
CA LYS C 51 24.10 5.07 22.85
C LYS C 51 25.21 4.70 21.87
N LEU C 52 25.04 5.14 20.62
CA LEU C 52 26.00 4.87 19.58
C LEU C 52 27.30 5.64 19.79
N ASN C 53 28.42 4.99 19.53
CA ASN C 53 29.73 5.66 19.46
C ASN C 53 29.83 6.26 18.07
N GLU C 54 29.37 7.50 17.93
CA GLU C 54 29.33 8.15 16.63
C GLU C 54 30.69 8.63 16.14
N GLU C 55 31.75 8.42 16.92
CA GLU C 55 33.10 8.60 16.39
C GLU C 55 33.55 7.38 15.60
N ARG C 56 33.00 6.21 15.90
CA ARG C 56 33.34 4.98 15.20
C ARG C 56 32.38 4.68 14.04
N TRP C 57 31.11 5.04 14.17
CA TRP C 57 30.09 4.69 13.20
C TRP C 57 29.32 5.92 12.76
N PHE C 58 28.97 5.96 11.49
CA PHE C 58 27.90 6.85 11.06
C PHE C 58 26.55 6.28 11.49
N PRO C 59 25.62 7.11 11.94
CA PRO C 59 24.33 6.60 12.41
C PRO C 59 23.42 6.11 11.28
N ASN C 60 23.78 6.37 10.03
CA ASN C 60 23.03 5.89 8.88
C ASN C 60 24.02 5.70 7.73
N ASN C 61 23.51 5.66 6.50
CA ASN C 61 24.35 5.53 5.32
C ASN C 61 24.40 6.87 4.58
N PRO C 62 25.49 7.64 4.68
CA PRO C 62 25.55 8.94 3.99
C PRO C 62 25.51 8.82 2.47
N LYS C 63 25.70 7.63 1.91
CA LYS C 63 25.84 7.46 0.47
C LYS C 63 24.69 6.67 -0.14
N TRP C 64 23.71 6.25 0.64
CA TRP C 64 22.63 5.41 0.12
C TRP C 64 21.39 5.61 0.97
N LYS C 65 20.32 6.11 0.35
CA LYS C 65 19.08 6.33 1.09
C LYS C 65 18.37 5.02 1.37
N GLY C 66 18.59 4.00 0.54
CA GLY C 66 17.95 2.71 0.73
C GLY C 66 17.25 2.21 -0.52
N ARG C 67 17.06 0.90 -0.62
CA ARG C 67 16.31 0.31 -1.72
C ARG C 67 14.83 0.35 -1.38
N GLN C 68 14.05 1.05 -2.21
CA GLN C 68 12.61 1.11 -1.98
C GLN C 68 12.05 -0.29 -1.80
N PRO C 69 11.08 -0.48 -0.89
CA PRO C 69 10.39 0.53 -0.08
C PRO C 69 10.98 0.73 1.32
N THR C 70 12.22 0.35 1.58
CA THR C 70 12.80 0.45 2.90
C THR C 70 13.80 1.61 2.93
N PHE C 71 13.58 2.54 3.86
CA PHE C 71 14.37 3.77 3.95
C PHE C 71 15.15 3.77 5.25
N PHE C 72 16.45 4.02 5.15
CA PHE C 72 17.31 3.98 6.33
C PHE C 72 17.08 5.21 7.20
N ALA C 73 16.97 4.98 8.52
CA ALA C 73 16.71 6.04 9.48
C ALA C 73 17.54 5.80 10.74
N LYS C 74 17.89 6.90 11.42
CA LYS C 74 18.76 6.81 12.58
C LYS C 74 18.04 6.17 13.78
N GLU C 75 16.78 6.52 14.00
CA GLU C 75 16.08 6.04 15.19
C GLU C 75 15.82 4.53 15.17
N ASN C 76 16.06 3.87 14.04
CA ASN C 76 15.86 2.42 13.98
C ASN C 76 16.97 1.63 14.66
N THR C 77 18.03 2.31 15.12
CA THR C 77 19.18 1.65 15.74
C THR C 77 19.28 2.09 17.20
N THR C 78 19.15 1.15 18.11
CA THR C 78 19.28 1.40 19.54
C THR C 78 20.30 0.43 20.13
N PHE C 79 20.48 0.50 21.44
CA PHE C 79 21.48 -0.32 22.12
C PHE C 79 20.89 -0.82 23.43
N GLU C 80 20.73 -2.13 23.55
CA GLU C 80 20.02 -2.77 24.65
C GLU C 80 20.68 -4.10 24.95
N ASP C 81 20.84 -4.40 26.24
CA ASP C 81 21.34 -5.72 26.64
C ASP C 81 22.70 -6.04 26.00
N GLY C 82 23.56 -5.03 25.90
CA GLY C 82 24.87 -5.28 25.35
C GLY C 82 24.87 -5.60 23.87
N CYS C 83 23.77 -5.29 23.18
CA CYS C 83 23.66 -5.55 21.75
C CYS C 83 23.16 -4.30 21.04
N CYS C 84 23.63 -4.12 19.80
CA CYS C 84 23.00 -3.19 18.88
C CYS C 84 21.72 -3.81 18.36
N VAL C 85 20.62 -3.08 18.46
CA VAL C 85 19.30 -3.60 18.12
C VAL C 85 18.75 -2.77 16.98
N MET C 86 18.42 -3.43 15.87
CA MET C 86 17.82 -2.78 14.71
C MET C 86 16.41 -3.32 14.53
N ARG C 87 15.45 -2.41 14.43
CA ARG C 87 14.05 -2.76 14.27
C ARG C 87 13.53 -2.15 12.97
N THR C 88 12.38 -2.66 12.53
CA THR C 88 11.72 -2.17 11.33
C THR C 88 10.39 -1.55 11.74
N TYR C 89 10.13 -0.34 11.26
CA TYR C 89 8.93 0.40 11.61
C TYR C 89 8.22 0.82 10.34
N LYS C 90 6.94 1.16 10.48
CA LYS C 90 6.15 1.72 9.38
C LYS C 90 5.61 3.07 9.85
N PRO C 91 6.32 4.16 9.60
CA PRO C 91 5.84 5.48 10.03
C PRO C 91 4.56 5.86 9.29
N GLU C 92 3.93 6.93 9.78
CA GLU C 92 2.73 7.43 9.12
C GLU C 92 3.00 7.69 7.64
N ALA C 93 1.97 7.46 6.83
CA ALA C 93 2.11 7.62 5.39
C ALA C 93 2.53 9.04 5.04
N GLY C 94 3.34 9.15 3.99
CA GLY C 94 3.84 10.44 3.55
C GLY C 94 5.00 10.98 4.35
N SER C 95 5.46 10.27 5.39
CA SER C 95 6.56 10.75 6.20
C SER C 95 7.90 10.55 5.51
N LEU C 96 8.01 9.53 4.67
CA LEU C 96 9.24 9.21 3.96
C LEU C 96 9.19 9.70 2.53
N PRO C 97 10.34 9.81 1.87
CA PRO C 97 10.33 10.22 0.46
C PRO C 97 9.50 9.28 -0.41
N GLU C 98 9.14 9.76 -1.59
CA GLU C 98 8.30 9.00 -2.49
C GLU C 98 8.93 7.64 -2.79
N GLY C 99 8.10 6.59 -2.75
CA GLY C 99 8.56 5.25 -3.02
C GLY C 99 8.99 4.46 -1.79
N TYR C 100 9.15 5.12 -0.65
CA TYR C 100 9.55 4.46 0.60
C TYR C 100 8.35 4.39 1.54
N THR C 101 8.22 3.25 2.22
CA THR C 101 7.12 3.05 3.16
C THR C 101 7.56 2.55 4.53
N HIS C 102 8.74 1.94 4.66
CA HIS C 102 9.23 1.43 5.93
C HIS C 102 10.64 1.92 6.15
N THR C 103 11.10 1.81 7.40
CA THR C 103 12.44 2.24 7.78
C THR C 103 13.20 1.09 8.43
N ALA C 104 14.52 1.15 8.33
CA ALA C 104 15.39 0.15 8.93
C ALA C 104 16.69 0.82 9.35
N GLY C 105 17.49 0.09 10.13
CA GLY C 105 18.74 0.62 10.62
C GLY C 105 19.91 0.38 9.69
N PHE C 106 20.94 1.21 9.83
CA PHE C 106 22.14 1.10 9.02
C PHE C 106 23.28 1.82 9.73
N LEU C 107 24.39 1.11 9.92
CA LEU C 107 25.60 1.69 10.49
C LEU C 107 26.76 1.46 9.54
N VAL C 108 27.56 2.50 9.32
CA VAL C 108 28.71 2.47 8.44
C VAL C 108 29.93 2.91 9.25
N SER C 109 31.01 2.15 9.15
CA SER C 109 32.22 2.47 9.88
C SER C 109 32.88 3.71 9.29
N LYS C 110 33.37 4.59 10.16
CA LYS C 110 34.13 5.74 9.69
C LYS C 110 35.55 5.37 9.28
N GLU C 111 36.07 4.24 9.76
CA GLU C 111 37.38 3.76 9.38
C GLU C 111 37.31 2.92 8.12
N LEU C 112 38.40 2.97 7.34
CA LEU C 112 38.58 2.13 6.16
C LEU C 112 39.56 1.00 6.50
N PHE C 113 39.31 -0.18 5.93
CA PHE C 113 40.10 -1.36 6.19
C PHE C 113 40.55 -1.98 4.88
N LEU C 114 41.77 -2.54 4.91
CA LEU C 114 42.30 -3.31 3.78
C LEU C 114 43.00 -4.53 4.36
N TYR C 115 42.36 -5.70 4.23
CA TYR C 115 42.90 -6.94 4.76
C TYR C 115 42.76 -7.01 6.28
N GLY C 116 42.74 -8.22 6.83
CA GLY C 116 42.62 -8.48 8.25
C GLY C 116 41.58 -9.54 8.51
N TYR C 117 41.20 -9.68 9.78
CA TYR C 117 40.11 -10.57 10.17
C TYR C 117 38.95 -9.72 10.68
N PHE C 118 37.74 -10.04 10.22
CA PHE C 118 36.55 -9.28 10.57
C PHE C 118 35.49 -10.26 11.03
N GLU C 119 34.95 -10.04 12.22
CA GLU C 119 34.06 -11.02 12.83
C GLU C 119 32.87 -10.31 13.46
N ALA C 120 31.70 -10.93 13.37
CA ALA C 120 30.49 -10.35 13.94
C ALA C 120 29.59 -11.46 14.46
N ARG C 121 28.99 -11.22 15.62
CA ARG C 121 28.03 -12.14 16.22
C ARG C 121 26.63 -11.54 16.03
N LEU C 122 25.77 -12.27 15.32
CA LEU C 122 24.50 -11.73 14.85
C LEU C 122 23.36 -12.69 15.19
N ARG C 123 22.26 -12.12 15.68
CA ARG C 123 21.00 -12.83 15.84
C ARG C 123 20.04 -12.28 14.80
N PRO C 124 19.73 -13.04 13.75
CA PRO C 124 18.93 -12.49 12.65
C PRO C 124 17.52 -12.11 13.11
N ASN C 125 16.95 -11.15 12.40
CA ASN C 125 15.55 -10.79 12.61
C ASN C 125 14.64 -11.81 11.93
N ASP C 126 13.60 -12.23 12.64
CA ASP C 126 12.62 -13.16 12.10
C ASP C 126 11.49 -12.41 11.39
N SER C 127 11.90 -11.62 10.41
CA SER C 127 10.98 -10.80 9.62
C SER C 127 11.52 -10.72 8.20
N PRO C 128 10.65 -10.42 7.22
CA PRO C 128 11.04 -10.44 5.79
C PRO C 128 11.91 -9.25 5.39
N TRP C 129 12.98 -9.02 6.14
CA TRP C 129 13.99 -8.03 5.79
C TRP C 129 15.36 -8.68 5.75
N VAL C 130 16.08 -8.50 4.64
CA VAL C 130 17.46 -8.94 4.57
C VAL C 130 18.26 -8.26 5.67
N PHE C 131 19.01 -9.04 6.43
CA PHE C 131 19.99 -8.53 7.36
C PHE C 131 21.39 -8.76 6.80
N GLY C 132 22.24 -7.76 6.99
CA GLY C 132 23.53 -7.72 6.34
C GLY C 132 24.67 -7.20 7.20
N PHE C 133 25.78 -7.93 7.14
CA PHE C 133 27.07 -7.52 7.67
C PHE C 133 28.06 -7.70 6.54
N TRP C 134 28.52 -6.59 5.96
CA TRP C 134 29.28 -6.67 4.71
C TRP C 134 30.27 -5.52 4.66
N MET C 135 31.03 -5.45 3.57
CA MET C 135 32.03 -4.40 3.40
C MET C 135 31.97 -3.90 1.98
N SER C 136 32.15 -2.59 1.81
CA SER C 136 32.01 -2.03 0.47
C SER C 136 32.77 -0.71 0.37
N ASN C 137 33.10 -0.34 -0.87
CA ASN C 137 33.64 1.00 -1.13
C ASN C 137 33.41 1.34 -2.60
N ASN C 138 32.80 2.50 -2.83
CA ASN C 138 32.61 3.08 -4.16
C ASN C 138 33.27 4.45 -4.16
N GLU C 139 34.48 4.53 -4.72
CA GLU C 139 35.32 5.71 -4.59
C GLU C 139 36.19 5.84 -5.83
N ARG C 140 36.12 7.00 -6.49
CA ARG C 140 37.00 7.34 -7.62
C ARG C 140 37.00 6.25 -8.67
N ASN C 141 35.80 5.89 -9.15
CA ASN C 141 35.63 4.91 -10.21
C ASN C 141 36.18 3.54 -9.82
N TRP C 142 36.33 3.26 -8.53
CA TRP C 142 36.65 1.92 -8.04
C TRP C 142 35.57 1.55 -7.03
N TRP C 143 34.78 0.53 -7.35
CA TRP C 143 33.64 0.16 -6.53
C TRP C 143 33.63 -1.37 -6.41
N THR C 144 33.85 -1.84 -5.18
CA THR C 144 33.89 -3.26 -4.87
C THR C 144 33.14 -3.52 -3.56
N LEU C 145 32.85 -4.80 -3.32
CA LEU C 145 31.99 -5.19 -2.22
C LEU C 145 32.25 -6.65 -1.86
N ILE C 146 32.38 -6.92 -0.56
CA ILE C 146 32.49 -8.27 -0.02
C ILE C 146 31.26 -8.50 0.85
N ASP C 147 30.40 -9.41 0.40
CA ASP C 147 29.14 -9.70 1.10
C ASP C 147 29.36 -10.88 2.05
N ILE C 148 29.93 -10.57 3.21
CA ILE C 148 30.14 -11.59 4.24
C ILE C 148 28.82 -12.24 4.62
N CYS C 149 27.82 -11.42 4.92
CA CYS C 149 26.53 -11.90 5.39
C CYS C 149 25.43 -11.05 4.77
N GLU C 150 24.64 -11.66 3.88
CA GLU C 150 23.47 -11.03 3.28
C GLU C 150 22.38 -12.11 3.24
N ASN C 151 21.52 -12.14 4.25
CA ASN C 151 20.58 -13.24 4.36
C ASN C 151 19.23 -12.74 4.84
N CYS C 152 18.19 -13.48 4.49
CA CYS C 152 16.82 -13.17 4.92
C CYS C 152 16.14 -14.45 5.38
N PRO C 153 16.56 -15.00 6.53
CA PRO C 153 15.83 -16.14 7.10
C PRO C 153 14.44 -15.78 7.61
N GLY C 154 14.12 -14.49 7.75
CA GLY C 154 12.78 -14.09 8.09
C GLY C 154 11.75 -14.55 7.09
N ASN C 155 12.17 -14.80 5.85
CA ASN C 155 11.35 -15.49 4.86
C ASN C 155 11.46 -16.99 5.12
N PRO C 156 10.39 -17.63 5.61
CA PRO C 156 10.50 -19.04 6.00
C PRO C 156 11.11 -19.93 4.93
N ALA C 157 11.00 -19.49 3.67
CA ALA C 157 11.56 -20.26 2.56
C ALA C 157 13.09 -20.21 2.52
N ASN C 158 13.72 -19.31 3.26
CA ASN C 158 15.17 -19.13 3.22
C ASN C 158 15.85 -19.56 4.52
N ARG C 159 15.14 -20.25 5.41
CA ARG C 159 15.67 -20.50 6.75
C ARG C 159 16.95 -21.33 6.72
N HIS C 160 17.11 -22.20 5.73
CA HIS C 160 18.25 -23.10 5.67
C HIS C 160 19.26 -22.69 4.61
N ASP C 161 19.25 -21.43 4.19
CA ASP C 161 20.20 -20.91 3.21
C ASP C 161 21.27 -20.08 3.92
N LEU C 162 22.51 -20.23 3.47
CA LEU C 162 23.60 -19.34 3.83
C LEU C 162 24.21 -18.81 2.54
N ASN C 163 24.05 -17.52 2.30
CA ASN C 163 24.50 -16.92 1.05
C ASN C 163 25.91 -16.34 1.20
N SER C 164 26.58 -16.19 0.06
CA SER C 164 27.87 -15.53 0.02
C SER C 164 28.03 -14.92 -1.36
N ASN C 165 28.75 -13.80 -1.43
CA ASN C 165 28.92 -13.13 -2.71
C ASN C 165 30.06 -12.13 -2.60
N VAL C 166 30.69 -11.86 -3.74
CA VAL C 166 31.71 -10.83 -3.84
C VAL C 166 31.46 -10.08 -5.15
N HIS C 167 31.55 -8.75 -5.09
CA HIS C 167 31.16 -7.90 -6.20
C HIS C 167 32.31 -7.01 -6.63
N VAL C 168 32.40 -6.75 -7.93
CA VAL C 168 33.25 -5.70 -8.48
C VAL C 168 32.35 -4.87 -9.38
N PHE C 169 31.83 -3.77 -8.87
CA PHE C 169 30.99 -2.91 -9.69
C PHE C 169 31.81 -2.16 -10.72
N LYS C 170 33.02 -1.74 -10.36
CA LYS C 170 33.88 -1.10 -11.35
C LYS C 170 35.31 -1.07 -10.84
N ALA C 171 36.26 -1.13 -11.76
CA ALA C 171 37.67 -1.12 -11.41
C ALA C 171 38.44 -0.51 -12.57
N PRO C 172 39.35 0.42 -12.30
CA PRO C 172 40.16 1.01 -13.39
C PRO C 172 40.97 -0.05 -14.11
N ALA C 173 41.63 0.40 -15.18
CA ALA C 173 42.34 -0.53 -16.06
C ALA C 173 43.48 -1.24 -15.33
N ASP C 174 44.08 -0.60 -14.33
CA ASP C 174 45.24 -1.17 -13.65
C ASP C 174 44.90 -2.00 -12.43
N LYS C 175 43.61 -2.16 -12.10
CA LYS C 175 43.19 -2.94 -10.93
C LYS C 175 42.11 -3.95 -11.26
N GLY C 176 42.00 -4.37 -12.52
CA GLY C 176 41.00 -5.35 -12.90
C GLY C 176 40.29 -5.05 -14.21
N ASP C 177 40.25 -3.79 -14.61
CA ASP C 177 39.62 -3.38 -15.86
C ASP C 177 38.20 -3.94 -15.96
N ILE C 178 37.37 -3.51 -15.01
CA ILE C 178 35.98 -3.97 -14.93
C ILE C 178 35.08 -2.84 -15.37
N LYS C 179 34.36 -3.04 -16.49
CA LYS C 179 33.43 -2.06 -17.00
C LYS C 179 31.98 -2.45 -16.79
N LYS C 180 31.71 -3.72 -16.53
CA LYS C 180 30.35 -4.18 -16.25
C LYS C 180 30.32 -4.91 -14.91
N HIS C 181 29.26 -4.69 -14.12
CA HIS C 181 29.15 -5.33 -12.81
C HIS C 181 29.28 -6.84 -12.93
N ILE C 182 30.14 -7.42 -12.10
CA ILE C 182 30.31 -8.88 -12.01
C ILE C 182 30.20 -9.28 -10.55
N ASN C 183 29.76 -10.52 -10.33
CA ASN C 183 29.66 -11.06 -8.97
C ASN C 183 29.75 -12.57 -9.05
N PHE C 184 30.03 -13.19 -7.90
CA PHE C 184 30.28 -14.62 -7.81
C PHE C 184 29.54 -15.17 -6.61
N PRO C 185 28.23 -15.38 -6.74
CA PRO C 185 27.42 -15.84 -5.61
C PRO C 185 27.56 -17.34 -5.37
N ALA C 186 27.32 -17.73 -4.12
CA ALA C 186 27.32 -19.14 -3.75
C ALA C 186 26.48 -19.32 -2.49
N LYS C 187 25.51 -20.23 -2.56
CA LYS C 187 24.66 -20.54 -1.42
CA LYS C 187 24.66 -20.54 -1.42
C LYS C 187 25.02 -21.92 -0.88
N TYR C 188 24.79 -22.11 0.41
CA TYR C 188 25.09 -23.37 1.09
C TYR C 188 23.94 -23.73 2.00
N TYR C 189 23.80 -25.03 2.26
CA TYR C 189 22.75 -25.53 3.14
C TYR C 189 23.28 -25.67 4.56
N ILE C 190 22.54 -25.15 5.52
CA ILE C 190 22.89 -25.30 6.93
C ILE C 190 21.78 -26.11 7.60
N PRO C 191 22.12 -27.03 8.50
CA PRO C 191 21.09 -27.92 9.05
C PRO C 191 20.16 -27.26 10.06
N PHE C 192 20.45 -26.04 10.48
CA PHE C 192 19.60 -25.32 11.43
C PHE C 192 18.97 -24.11 10.77
N GLU C 193 17.81 -23.70 11.31
CA GLU C 193 17.18 -22.47 10.86
C GLU C 193 17.98 -21.27 11.36
N LEU C 194 18.40 -20.41 10.43
CA LEU C 194 19.40 -19.39 10.76
C LEU C 194 18.88 -18.38 11.77
N GLN C 195 17.59 -18.08 11.74
CA GLN C 195 17.05 -16.98 12.56
C GLN C 195 16.84 -17.37 14.02
N LYS C 196 17.17 -18.60 14.42
CA LYS C 196 16.80 -19.06 15.75
C LYS C 196 17.74 -18.55 16.83
N ASP C 197 19.05 -18.50 16.55
CA ASP C 197 20.04 -18.17 17.56
C ASP C 197 21.11 -17.27 16.97
N PHE C 198 22.01 -16.80 17.83
CA PHE C 198 23.18 -16.06 17.40
C PHE C 198 24.13 -16.97 16.62
N HIS C 199 24.78 -16.39 15.61
CA HIS C 199 25.83 -17.07 14.87
C HIS C 199 26.93 -16.08 14.54
N VAL C 200 28.14 -16.61 14.32
CA VAL C 200 29.33 -15.79 14.17
C VAL C 200 29.81 -15.88 12.73
N TRP C 201 29.82 -14.74 12.04
CA TRP C 201 30.34 -14.63 10.68
C TRP C 201 31.77 -14.10 10.74
N GLY C 202 32.66 -14.78 10.03
CA GLY C 202 34.06 -14.39 10.02
C GLY C 202 34.61 -14.29 8.61
N LEU C 203 35.52 -13.34 8.42
CA LEU C 203 36.15 -13.09 7.13
C LEU C 203 37.63 -12.90 7.34
N ASP C 204 38.44 -13.75 6.70
CA ASP C 204 39.88 -13.59 6.64
C ASP C 204 40.21 -13.04 5.26
N TRP C 205 40.60 -11.77 5.20
CA TRP C 205 40.77 -11.02 3.96
C TRP C 205 42.26 -10.73 3.76
N SER C 206 42.86 -11.39 2.77
CA SER C 206 44.26 -11.18 2.43
C SER C 206 44.37 -10.91 0.94
N LYS C 207 45.56 -10.46 0.53
CA LYS C 207 45.80 -10.21 -0.89
C LYS C 207 45.63 -11.48 -1.72
N GLU C 208 45.84 -12.65 -1.12
CA GLU C 208 45.82 -13.91 -1.83
C GLU C 208 44.44 -14.58 -1.82
N TYR C 209 43.75 -14.56 -0.69
CA TYR C 209 42.49 -15.29 -0.55
C TYR C 209 41.50 -14.51 0.30
N ILE C 210 40.22 -14.76 0.04
CA ILE C 210 39.12 -14.39 0.91
C ILE C 210 38.56 -15.67 1.49
N ARG C 211 38.59 -15.80 2.81
CA ARG C 211 38.11 -17.00 3.48
C ARG C 211 36.92 -16.65 4.35
N LEU C 212 35.82 -17.37 4.16
CA LEU C 212 34.55 -17.10 4.83
C LEU C 212 34.22 -18.24 5.77
N TYR C 213 33.97 -17.89 7.05
CA TYR C 213 33.75 -18.82 8.14
C TYR C 213 32.39 -18.55 8.79
N ILE C 214 31.74 -19.62 9.24
CA ILE C 214 30.50 -19.53 10.00
C ILE C 214 30.65 -20.34 11.29
N ASP C 215 30.40 -19.69 12.42
CA ASP C 215 30.60 -20.31 13.74
C ASP C 215 31.98 -20.94 13.84
N GLY C 216 32.97 -20.28 13.23
CA GLY C 216 34.33 -20.76 13.26
C GLY C 216 34.69 -21.75 12.18
N VAL C 217 33.72 -22.19 11.37
CA VAL C 217 33.93 -23.22 10.37
C VAL C 217 34.14 -22.55 9.02
N LEU C 218 35.24 -22.88 8.35
CA LEU C 218 35.50 -22.38 7.01
C LEU C 218 34.52 -23.00 6.03
N TYR C 219 33.78 -22.16 5.31
CA TYR C 219 32.83 -22.64 4.32
C TYR C 219 33.06 -22.11 2.92
N ARG C 220 33.83 -21.04 2.74
CA ARG C 220 34.13 -20.66 1.35
C ARG C 220 35.53 -20.09 1.24
N GLU C 221 36.20 -20.41 0.13
CA GLU C 221 37.52 -19.88 -0.20
C GLU C 221 37.46 -19.30 -1.60
N ILE C 222 37.93 -18.06 -1.74
CA ILE C 222 37.87 -17.32 -3.01
C ILE C 222 39.25 -16.79 -3.31
N GLU C 223 39.71 -17.00 -4.55
CA GLU C 223 40.96 -16.39 -4.99
C GLU C 223 40.77 -14.89 -5.17
N ASN C 224 41.54 -14.10 -4.43
CA ASN C 224 41.34 -12.65 -4.37
C ASN C 224 42.02 -12.01 -5.59
N LYS C 225 41.27 -11.93 -6.69
CA LYS C 225 41.79 -11.35 -7.92
C LYS C 225 41.49 -9.86 -8.05
N TYR C 226 40.45 -9.36 -7.38
CA TYR C 226 40.01 -7.98 -7.58
C TYR C 226 39.89 -7.16 -6.29
N TRP C 227 39.79 -7.80 -5.12
CA TRP C 227 39.40 -7.08 -3.90
C TRP C 227 40.66 -6.64 -3.15
N HIS C 228 41.26 -5.57 -3.66
CA HIS C 228 42.43 -4.94 -3.06
C HIS C 228 42.15 -3.47 -2.74
N GLN C 229 40.88 -3.10 -2.62
CA GLN C 229 40.40 -1.75 -2.33
C GLN C 229 40.02 -1.64 -0.87
N PRO C 230 40.44 -0.57 -0.18
CA PRO C 230 39.97 -0.36 1.20
C PRO C 230 38.45 -0.27 1.24
N LEU C 231 37.86 -0.88 2.27
CA LEU C 231 36.43 -1.00 2.38
C LEU C 231 35.95 -0.51 3.75
N ARG C 232 34.68 -0.12 3.78
CA ARG C 232 34.00 0.21 5.02
C ARG C 232 33.07 -0.93 5.41
N ILE C 233 32.87 -1.10 6.72
CA ILE C 233 31.99 -2.12 7.27
C ILE C 233 30.58 -1.56 7.37
N ASN C 234 29.59 -2.35 6.95
CA ASN C 234 28.19 -1.97 6.95
C ASN C 234 27.40 -3.02 7.71
N LEU C 235 26.51 -2.55 8.60
CA LEU C 235 25.56 -3.40 9.30
C LEU C 235 24.17 -2.82 9.08
N ASN C 236 23.23 -3.63 8.59
CA ASN C 236 21.94 -3.03 8.27
C ASN C 236 20.87 -4.09 8.02
N ASN C 237 19.63 -3.60 7.91
CA ASN C 237 18.51 -4.30 7.31
C ASN C 237 18.11 -3.57 6.04
N GLU C 238 17.59 -4.33 5.07
CA GLU C 238 17.15 -3.74 3.81
C GLU C 238 16.17 -4.67 3.13
N SER C 239 15.48 -4.12 2.13
CA SER C 239 14.56 -4.88 1.30
C SER C 239 15.25 -5.37 0.03
N ASN C 240 14.81 -6.52 -0.46
CA ASN C 240 15.40 -7.09 -1.67
C ASN C 240 14.41 -8.10 -2.25
N LYS C 241 13.93 -7.83 -3.46
CA LYS C 241 12.94 -8.70 -4.08
C LYS C 241 13.50 -10.10 -4.36
N TRP C 242 14.82 -10.21 -4.55
CA TRP C 242 15.42 -11.50 -4.88
C TRP C 242 15.25 -12.49 -3.74
N PHE C 243 15.33 -12.02 -2.49
CA PHE C 243 15.16 -12.86 -1.32
C PHE C 243 13.71 -12.97 -0.86
N GLY C 244 12.78 -12.40 -1.61
CA GLY C 244 11.43 -12.26 -1.08
C GLY C 244 11.36 -11.38 0.14
N ALA C 245 12.32 -10.46 0.29
CA ALA C 245 12.40 -9.60 1.46
C ALA C 245 11.69 -8.27 1.18
N LEU C 246 10.37 -8.35 1.18
CA LEU C 246 9.52 -7.18 1.06
C LEU C 246 8.71 -7.00 2.34
N PRO C 247 8.36 -5.75 2.69
CA PRO C 247 7.75 -5.49 3.99
C PRO C 247 6.45 -6.27 4.20
N ASP C 248 6.23 -6.67 5.44
CA ASP C 248 4.98 -7.30 5.89
C ASP C 248 4.57 -6.62 7.18
N ASP C 249 3.47 -5.86 7.15
CA ASP C 249 3.06 -5.08 8.30
C ASP C 249 2.68 -5.94 9.50
N ASN C 250 2.30 -7.20 9.28
CA ASN C 250 1.94 -8.11 10.36
C ASN C 250 3.08 -9.03 10.77
N ASN C 251 4.28 -8.82 10.22
CA ASN C 251 5.46 -9.57 10.59
C ASN C 251 6.68 -8.65 10.46
N MET C 252 6.65 -7.55 11.20
CA MET C 252 7.73 -6.56 11.20
C MET C 252 8.11 -6.14 12.62
N ASP C 253 7.83 -6.98 13.61
CA ASP C 253 8.08 -6.65 15.01
C ASP C 253 9.31 -7.36 15.57
N SER C 254 10.15 -7.95 14.71
CA SER C 254 11.31 -8.68 15.17
C SER C 254 12.49 -7.72 15.36
N GLU C 255 13.63 -8.27 15.77
CA GLU C 255 14.80 -7.48 16.09
C GLU C 255 16.04 -8.13 15.50
N TYR C 256 16.85 -7.33 14.80
CA TYR C 256 18.17 -7.76 14.34
C TYR C 256 19.17 -7.39 15.41
N LEU C 257 19.84 -8.39 15.99
CA LEU C 257 20.73 -8.18 17.12
C LEU C 257 22.18 -8.34 16.68
N ILE C 258 23.02 -7.39 17.07
CA ILE C 258 24.46 -7.47 16.83
C ILE C 258 25.14 -7.44 18.19
N ASP C 259 25.70 -8.57 18.60
CA ASP C 259 26.39 -8.64 19.89
C ASP C 259 27.70 -7.85 19.86
N TYR C 260 28.49 -8.02 18.81
CA TYR C 260 29.76 -7.32 18.70
C TYR C 260 30.21 -7.31 17.25
N VAL C 261 31.12 -6.38 16.95
CA VAL C 261 31.90 -6.41 15.72
C VAL C 261 33.36 -6.26 16.12
N ARG C 262 34.19 -7.22 15.70
CA ARG C 262 35.61 -7.25 16.07
C ARG C 262 36.47 -7.27 14.82
N VAL C 263 37.56 -6.50 14.86
CA VAL C 263 38.49 -6.40 13.74
C VAL C 263 39.89 -6.68 14.25
N TRP C 264 40.65 -7.49 13.49
CA TRP C 264 42.03 -7.80 13.80
C TRP C 264 42.92 -7.46 12.60
N TYR C 265 44.17 -7.12 12.90
CA TYR C 265 45.19 -6.97 11.87
C TYR C 265 46.39 -7.85 12.22
N LYS C 266 47.29 -7.99 11.26
CA LYS C 266 48.46 -8.84 11.44
C LYS C 266 49.61 -8.08 12.09
#